data_8I0N
#
_entry.id   8I0N
#
loop_
_entity.id
_entity.type
_entity.pdbx_description
1 polymer Beta-arrestin-1
2 polymer 'Fab30 heavy chain'
3 polymer 'Fab30 light chain'
4 polymer 'C5a anaphylatoxin chemotactic receptor 1'
#
loop_
_entity_poly.entity_id
_entity_poly.type
_entity_poly.pdbx_seq_one_letter_code
_entity_poly.pdbx_strand_id
1 'polypeptide(L)'
;MGDKGTRVFKKASPNGKLTVYLGKRDFVDHIDLVDPVDGVVLVDPEYLKERRVYVTLTCAFRYGREDLDVLGLTFRKDLF
VANVQSFPPAPEDKKPLTRLQERLIKKLGEHAYPFTFEIPPNLPCSVTLQPGPEDTGKACGVDYEVKAFCAENLEEKIHK
RNSVRLVIRKVQYAPERPGPQPTAETTRQFLMSDKPLHLEASLDKEIYYHGEPISVNVHVTNNTNKTVKKIKISVRQYAD
ICLFNTAQYKCPVAMEEADDTVAPSSTFCKVYTLTPFLANNREKRGLALDGKLKHEDTNLASSTLLREGANREILGIIVS
YKVKVKLVVSRGGLLGDLASSDVAVELPFTLMHPKPKEEPPHREVPESETPVDTNLIELDTNDDDIVFEDFARQRLKGMK
DDKDEEDDGTGSPHLNNR
;
A,B
2 'polypeptide(L)'
;EISEVQLVESGGGLVQPGGSLRLSCAASGFNVYSSSIHWVRQAPGKGLEWVASISSYYGYTYYADSVKGRFTISADTSKN
TAYLQMNSLRAEDTAVYYCARSRQFWYSGLDYWGQGTLVTVSSASTKGPSVFPLAPSSKSTSGGTAALGCLVKDYFPEPV
TVSWNSGALTSGVHTFPAVLQSSGLYSLSSVVTVPSSSLGTQTYICNVNHKPSNTKVDKKVEPKSCDKTHHHHHHHH
;
H,I
3 'polypeptide(L)'
;SDIQMTQSPSSLSASVGDRVTITCRASQSVSSAVAWYQQKPGKAPKLLIYSASSLYSGVPSRFSGSRSGTDFTLTISSLQ
PEDFATYYCQQYKYVPVTFGQGTKVEIKRTVAAPSVFIFPPSDSQLKSGTASVVCLLNNFYPREAKVQWKVDNALQSGNS
QESVTEQDSKDSTYSLSSTLTLSKADYEKHKVYACEVTHQGLSSPVTKSFNRGEC
;
L,M
4 'polypeptide(L)' E(SEP)K(SEP)F(TPO)R(SEP)(TPO)VD(TPO)MAQKTQAV U,V
#
# COMPACT_ATOMS: atom_id res chain seq x y z
N ARG A 7 5.90 42.67 33.11
CA ARG A 7 4.44 42.54 33.10
C ARG A 7 4.01 41.10 33.37
N VAL A 8 2.94 40.95 34.13
CA VAL A 8 2.39 39.65 34.49
C VAL A 8 0.93 39.60 34.10
N PHE A 9 0.43 38.39 33.91
CA PHE A 9 -0.95 38.17 33.51
C PHE A 9 -1.82 37.91 34.73
N LYS A 10 -3.07 38.35 34.65
CA LYS A 10 -4.02 38.13 35.74
C LYS A 10 -5.40 37.83 35.17
N LYS A 11 -6.22 37.17 35.99
CA LYS A 11 -7.57 36.82 35.60
C LYS A 11 -8.44 36.84 36.85
N ALA A 12 -9.72 37.14 36.67
CA ALA A 12 -10.66 37.26 37.77
C ALA A 12 -11.91 36.43 37.51
N SER A 13 -12.52 35.95 38.59
CA SER A 13 -13.72 35.14 38.48
C SER A 13 -14.90 36.00 38.04
N PRO A 14 -15.95 35.39 37.49
CA PRO A 14 -17.15 36.18 37.17
C PRO A 14 -17.73 36.88 38.38
N ASN A 15 -17.58 36.31 39.57
CA ASN A 15 -17.97 37.01 40.78
C ASN A 15 -17.04 38.19 41.07
N GLY A 16 -15.76 38.04 40.74
CA GLY A 16 -14.79 39.08 40.98
C GLY A 16 -14.10 39.03 42.32
N LYS A 17 -14.48 38.09 43.19
CA LYS A 17 -13.91 37.99 44.52
C LYS A 17 -12.62 37.20 44.57
N LEU A 18 -12.21 36.57 43.47
CA LEU A 18 -11.00 35.76 43.43
C LEU A 18 -10.21 36.07 42.16
N THR A 19 -8.89 36.09 42.30
CA THR A 19 -8.00 36.45 41.21
C THR A 19 -6.69 35.70 41.35
N VAL A 20 -6.14 35.23 40.24
CA VAL A 20 -4.89 34.48 40.22
C VAL A 20 -3.94 35.14 39.22
N TYR A 21 -2.67 35.20 39.59
CA TYR A 21 -1.63 35.85 38.79
C TYR A 21 -0.62 34.84 38.32
N LEU A 22 -0.16 34.98 37.08
CA LEU A 22 0.90 34.15 36.52
C LEU A 22 1.96 35.05 35.91
N GLY A 23 3.22 34.63 36.01
CA GLY A 23 4.30 35.38 35.43
C GLY A 23 4.56 35.13 33.95
N LYS A 24 3.98 34.08 33.40
CA LYS A 24 4.18 33.72 32.00
C LYS A 24 3.16 32.64 31.65
N ARG A 25 3.10 32.30 30.37
CA ARG A 25 2.19 31.29 29.88
C ARG A 25 2.89 30.07 29.29
N ASP A 26 4.10 30.22 28.78
CA ASP A 26 4.85 29.12 28.19
C ASP A 26 5.95 28.71 29.15
N PHE A 27 5.87 27.48 29.66
CA PHE A 27 6.86 26.96 30.60
C PHE A 27 7.78 26.00 29.86
N VAL A 28 9.06 26.33 29.82
CA VAL A 28 10.02 25.59 29.02
C VAL A 28 10.34 24.26 29.71
N ASP A 29 10.55 23.22 28.90
CA ASP A 29 10.94 21.91 29.39
C ASP A 29 12.37 21.64 28.94
N HIS A 30 13.26 21.42 29.91
CA HIS A 30 14.66 21.14 29.62
C HIS A 30 14.98 19.65 29.62
N ILE A 31 13.95 18.81 29.41
CA ILE A 31 14.05 17.35 29.35
C ILE A 31 14.34 16.79 30.75
N ASP A 32 15.39 17.28 31.39
CA ASP A 32 15.73 16.78 32.72
C ASP A 32 14.79 17.33 33.79
N LEU A 33 14.36 18.58 33.64
CA LEU A 33 13.46 19.19 34.61
C LEU A 33 12.71 20.32 33.92
N VAL A 34 11.43 20.49 34.30
CA VAL A 34 10.56 21.50 33.73
C VAL A 34 10.56 22.72 34.64
N ASP A 35 10.32 23.89 34.05
CA ASP A 35 10.28 25.11 34.84
C ASP A 35 9.13 25.04 35.86
N PRO A 36 9.32 25.57 37.06
CA PRO A 36 8.24 25.55 38.04
C PRO A 36 7.10 26.47 37.63
N VAL A 37 5.89 26.07 38.00
CA VAL A 37 4.69 26.87 37.77
C VAL A 37 4.37 27.60 39.06
N ASP A 38 4.51 28.91 39.05
CA ASP A 38 4.32 29.72 40.24
C ASP A 38 3.31 30.83 39.96
N GLY A 39 2.63 31.26 41.00
CA GLY A 39 1.61 32.28 40.85
C GLY A 39 1.15 32.76 42.20
N VAL A 40 0.29 33.77 42.18
CA VAL A 40 -0.19 34.41 43.40
C VAL A 40 -1.70 34.53 43.30
N VAL A 41 -2.39 34.18 44.38
CA VAL A 41 -3.84 34.19 44.43
C VAL A 41 -4.28 35.32 45.36
N LEU A 42 -5.21 36.15 44.89
CA LEU A 42 -5.79 37.21 45.69
C LEU A 42 -7.11 36.73 46.27
N VAL A 43 -7.28 36.91 47.58
CA VAL A 43 -8.43 36.38 48.29
C VAL A 43 -9.06 37.50 49.10
N ASP A 44 -10.26 37.22 49.62
CA ASP A 44 -10.98 38.15 50.49
C ASP A 44 -11.59 37.30 51.60
N PRO A 45 -10.96 37.27 52.79
CA PRO A 45 -11.47 36.41 53.85
C PRO A 45 -12.88 36.74 54.30
N GLU A 46 -13.28 38.01 54.27
CA GLU A 46 -14.61 38.38 54.73
C GLU A 46 -15.69 37.72 53.88
N TYR A 47 -15.50 37.67 52.56
CA TYR A 47 -16.46 37.05 51.66
C TYR A 47 -16.05 35.63 51.26
N LEU A 48 -15.30 34.94 52.11
CA LEU A 48 -14.81 33.59 51.85
C LEU A 48 -15.09 32.69 53.03
N LYS A 49 -16.34 32.71 53.51
CA LYS A 49 -16.77 31.82 54.58
C LYS A 49 -16.61 30.34 54.20
N GLU A 50 -16.22 30.04 52.96
CA GLU A 50 -15.96 28.66 52.56
C GLU A 50 -14.80 28.06 53.34
N ARG A 51 -13.90 28.89 53.86
CA ARG A 51 -12.77 28.54 54.71
C ARG A 51 -11.63 27.87 53.94
N ARG A 52 -11.75 27.68 52.63
CA ARG A 52 -10.69 27.07 51.85
C ARG A 52 -10.59 27.74 50.48
N VAL A 53 -9.39 27.74 49.92
CA VAL A 53 -9.16 28.07 48.52
C VAL A 53 -8.20 27.02 47.96
N TYR A 54 -8.55 26.43 46.84
CA TYR A 54 -7.75 25.38 46.25
C TYR A 54 -7.20 25.84 44.91
N VAL A 55 -5.98 25.44 44.61
CA VAL A 55 -5.38 25.62 43.29
C VAL A 55 -5.20 24.23 42.69
N THR A 56 -5.18 24.16 41.37
CA THR A 56 -5.08 22.88 40.71
C THR A 56 -4.37 23.03 39.36
N LEU A 57 -3.47 22.08 39.08
CA LEU A 57 -2.83 21.96 37.78
C LEU A 57 -3.25 20.64 37.15
N THR A 58 -3.58 20.67 35.86
CA THR A 58 -4.18 19.51 35.22
C THR A 58 -3.74 19.43 33.77
N CYS A 59 -3.08 18.33 33.42
CA CYS A 59 -2.78 18.00 32.03
C CYS A 59 -3.78 16.96 31.58
N ALA A 60 -4.62 17.32 30.61
CA ALA A 60 -5.75 16.50 30.22
C ALA A 60 -5.80 16.35 28.70
N PHE A 61 -6.03 15.11 28.25
CA PHE A 61 -6.28 14.85 26.85
C PHE A 61 -7.74 15.09 26.54
N ARG A 62 -8.02 16.01 25.63
CA ARG A 62 -9.38 16.35 25.24
C ARG A 62 -9.58 15.99 23.77
N TYR A 63 -10.73 15.37 23.47
CA TYR A 63 -10.98 14.87 22.13
C TYR A 63 -12.47 14.80 21.89
N GLY A 64 -12.85 15.00 20.62
CA GLY A 64 -14.25 14.99 20.24
C GLY A 64 -14.69 13.60 19.79
N ARG A 65 -15.87 13.19 20.27
CA ARG A 65 -16.36 11.85 19.97
C ARG A 65 -16.84 11.75 18.52
N GLU A 66 -16.66 10.56 17.93
CA GLU A 66 -17.11 10.29 16.59
C GLU A 66 -18.50 9.63 16.57
N ASP A 67 -18.77 8.74 17.53
CA ASP A 67 -20.07 8.10 17.59
C ASP A 67 -21.17 9.08 17.99
N LEU A 68 -20.86 9.98 18.92
CA LEU A 68 -21.84 10.97 19.35
C LEU A 68 -22.11 11.98 18.24
N ASP A 69 -23.39 12.19 17.92
CA ASP A 69 -23.76 13.13 16.87
C ASP A 69 -23.63 14.58 17.34
N VAL A 70 -23.76 14.84 18.64
CA VAL A 70 -23.72 16.20 19.15
C VAL A 70 -22.30 16.76 19.00
N LEU A 71 -22.20 17.95 18.41
CA LEU A 71 -20.93 18.62 18.23
C LEU A 71 -20.64 19.54 19.41
N GLY A 72 -19.36 19.89 19.56
CA GLY A 72 -18.92 20.72 20.66
C GLY A 72 -18.60 19.93 21.91
N LEU A 73 -19.42 18.91 22.20
CA LEU A 73 -19.17 18.06 23.35
C LEU A 73 -17.93 17.21 23.12
N THR A 74 -17.07 17.14 24.14
CA THR A 74 -15.82 16.40 24.07
C THR A 74 -15.61 15.62 25.35
N PHE A 75 -14.94 14.48 25.23
CA PHE A 75 -14.52 13.71 26.39
C PHE A 75 -13.09 14.08 26.77
N ARG A 76 -12.73 13.82 28.02
CA ARG A 76 -11.41 14.18 28.51
C ARG A 76 -10.90 13.11 29.46
N LYS A 77 -9.58 12.96 29.50
CA LYS A 77 -8.91 12.05 30.41
C LYS A 77 -7.73 12.76 31.07
N ASP A 78 -7.60 12.62 32.38
CA ASP A 78 -6.54 13.29 33.12
C ASP A 78 -5.23 12.52 32.97
N LEU A 79 -4.20 13.20 32.47
CA LEU A 79 -2.88 12.61 32.40
C LEU A 79 -2.05 12.88 33.66
N PHE A 80 -2.28 14.01 34.32
CA PHE A 80 -1.55 14.36 35.54
C PHE A 80 -2.30 15.48 36.25
N VAL A 81 -2.56 15.31 37.54
CA VAL A 81 -3.34 16.26 38.32
C VAL A 81 -2.61 16.54 39.63
N ALA A 82 -2.54 17.83 39.99
CA ALA A 82 -1.95 18.25 41.26
C ALA A 82 -2.81 19.36 41.86
N ASN A 83 -2.69 19.53 43.17
CA ASN A 83 -3.50 20.53 43.87
C ASN A 83 -2.76 21.03 45.11
N VAL A 84 -3.22 22.18 45.62
CA VAL A 84 -2.52 22.93 46.66
C VAL A 84 -3.55 23.70 47.49
N GLN A 85 -3.29 23.82 48.80
CA GLN A 85 -3.97 24.78 49.66
C GLN A 85 -3.32 26.15 49.56
N SER A 86 -4.13 27.19 49.51
CA SER A 86 -3.53 28.50 49.41
C SER A 86 -4.01 29.49 50.48
N PHE A 87 -5.32 29.48 50.80
CA PHE A 87 -5.82 30.51 51.72
C PHE A 87 -5.41 30.22 53.16
N PRO A 88 -5.74 29.07 53.76
CA PRO A 88 -5.13 28.74 55.04
C PRO A 88 -3.74 28.17 54.82
N PRO A 89 -2.70 28.90 55.25
CA PRO A 89 -1.33 28.47 54.94
C PRO A 89 -1.04 27.05 55.39
N ALA A 90 -0.87 26.16 54.42
CA ALA A 90 -0.67 24.74 54.72
C ALA A 90 0.74 24.52 55.24
N PRO A 91 0.90 23.90 56.42
CA PRO A 91 2.26 23.67 56.93
C PRO A 91 3.10 22.77 56.04
N GLU A 92 2.49 21.79 55.38
CA GLU A 92 3.25 20.88 54.54
C GLU A 92 3.66 21.51 53.21
N ASP A 93 2.90 22.48 52.72
CA ASP A 93 3.15 23.10 51.43
C ASP A 93 4.07 24.32 51.52
N LYS A 94 4.91 24.39 52.55
CA LYS A 94 5.83 25.51 52.69
C LYS A 94 6.97 25.38 51.70
N LYS A 95 7.16 26.42 50.88
CA LYS A 95 8.21 26.46 49.88
C LYS A 95 8.80 27.87 49.85
N PRO A 96 10.07 28.00 49.47
CA PRO A 96 10.65 29.35 49.34
C PRO A 96 10.02 30.10 48.18
N LEU A 97 9.72 31.37 48.41
CA LEU A 97 9.08 32.19 47.40
C LEU A 97 10.06 32.56 46.30
N THR A 98 9.58 32.54 45.06
CA THR A 98 10.41 32.91 43.93
C THR A 98 10.62 34.43 43.89
N ARG A 99 11.43 34.88 42.93
CA ARG A 99 11.75 36.29 42.84
C ARG A 99 10.51 37.13 42.55
N LEU A 100 9.68 36.70 41.60
CA LEU A 100 8.48 37.44 41.24
C LEU A 100 7.37 37.27 42.27
N GLN A 101 7.30 36.10 42.90
CA GLN A 101 6.19 35.81 43.81
C GLN A 101 6.25 36.72 45.04
N GLU A 102 7.44 36.92 45.60
CA GLU A 102 7.55 37.79 46.76
C GLU A 102 7.26 39.24 46.42
N ARG A 103 7.62 39.69 45.21
CA ARG A 103 7.26 41.04 44.77
C ARG A 103 5.76 41.18 44.62
N LEU A 104 5.10 40.16 44.07
CA LEU A 104 3.64 40.19 43.99
C LEU A 104 3.00 40.26 45.37
N ILE A 105 3.54 39.49 46.33
CA ILE A 105 3.04 39.56 47.70
C ILE A 105 3.24 40.96 48.27
N LYS A 106 4.42 41.54 48.06
CA LYS A 106 4.72 42.86 48.62
C LYS A 106 3.82 43.94 48.01
N LYS A 107 3.45 43.78 46.74
CA LYS A 107 2.56 44.76 46.13
C LYS A 107 1.13 44.60 46.61
N LEU A 108 0.59 43.38 46.52
CA LEU A 108 -0.83 43.17 46.76
C LEU A 108 -1.20 43.26 48.24
N GLY A 109 -0.28 42.92 49.14
CA GLY A 109 -0.55 43.08 50.56
C GLY A 109 -0.77 41.78 51.32
N GLU A 110 -1.53 41.86 52.41
CA GLU A 110 -1.70 40.71 53.30
C GLU A 110 -2.59 39.65 52.66
N HIS A 111 -3.71 40.05 52.06
CA HIS A 111 -4.68 39.09 51.54
C HIS A 111 -4.29 38.57 50.17
N ALA A 112 -3.04 38.12 50.02
CA ALA A 112 -2.57 37.51 48.79
C ALA A 112 -1.62 36.38 49.16
N TYR A 113 -1.86 35.20 48.61
CA TYR A 113 -1.15 34.01 49.04
C TYR A 113 -0.54 33.30 47.84
N PRO A 114 0.65 32.72 48.00
CA PRO A 114 1.35 32.11 46.88
C PRO A 114 0.96 30.65 46.67
N PHE A 115 1.39 30.12 45.53
CA PHE A 115 1.27 28.70 45.22
C PHE A 115 2.32 28.35 44.18
N THR A 116 2.82 27.12 44.26
CA THR A 116 3.85 26.64 43.34
C THR A 116 3.61 25.17 43.02
N PHE A 117 3.89 24.80 41.78
CA PHE A 117 3.84 23.41 41.33
C PHE A 117 5.18 23.03 40.73
N GLU A 118 5.36 21.73 40.52
CA GLU A 118 6.56 21.20 39.89
C GLU A 118 6.12 20.09 38.93
N ILE A 119 6.11 20.39 37.64
CA ILE A 119 5.67 19.41 36.64
C ILE A 119 6.71 18.30 36.57
N PRO A 120 6.32 17.04 36.82
CA PRO A 120 7.30 15.97 36.76
C PRO A 120 7.76 15.72 35.33
N PRO A 121 8.96 15.18 35.15
CA PRO A 121 9.46 14.93 33.79
C PRO A 121 8.71 13.78 33.14
N ASN A 122 8.98 13.61 31.84
CA ASN A 122 8.33 12.58 31.01
C ASN A 122 6.82 12.79 30.97
N LEU A 123 6.41 13.99 30.58
CA LEU A 123 5.00 14.32 30.37
C LEU A 123 4.84 14.96 29.00
N PRO A 124 3.67 14.83 28.39
CA PRO A 124 3.50 15.33 27.03
C PRO A 124 3.57 16.84 26.96
N CYS A 125 4.02 17.34 25.82
CA CYS A 125 4.01 18.76 25.52
C CYS A 125 2.71 19.13 24.83
N SER A 126 2.33 20.41 24.96
CA SER A 126 1.07 20.88 24.39
C SER A 126 1.06 20.73 22.88
N VAL A 127 0.24 19.81 22.38
CA VAL A 127 0.07 19.59 20.94
C VAL A 127 -1.42 19.58 20.64
N THR A 128 -1.82 20.30 19.61
CA THR A 128 -3.23 20.42 19.23
C THR A 128 -3.42 19.80 17.86
N LEU A 129 -4.32 18.82 17.77
CA LEU A 129 -4.65 18.22 16.49
C LEU A 129 -5.49 19.20 15.67
N GLN A 130 -5.20 19.28 14.38
CA GLN A 130 -5.86 20.27 13.53
C GLN A 130 -7.34 19.91 13.36
N PRO A 131 -8.27 20.79 13.74
CA PRO A 131 -9.68 20.47 13.56
C PRO A 131 -10.14 20.74 12.14
N GLY A 132 -11.06 19.90 11.67
CA GLY A 132 -11.61 20.04 10.35
C GLY A 132 -12.59 21.20 10.27
N PRO A 133 -12.99 21.55 9.04
CA PRO A 133 -13.97 22.65 8.88
C PRO A 133 -15.30 22.38 9.55
N GLU A 134 -15.65 21.12 9.79
CA GLU A 134 -16.93 20.77 10.42
C GLU A 134 -16.88 20.83 11.93
N ASP A 135 -15.71 21.05 12.52
CA ASP A 135 -15.58 21.08 13.98
C ASP A 135 -15.86 22.48 14.51
N THR A 136 -16.52 22.52 15.67
CA THR A 136 -16.84 23.78 16.34
C THR A 136 -16.51 23.78 17.82
N GLY A 137 -16.04 22.67 18.38
CA GLY A 137 -15.77 22.58 19.79
C GLY A 137 -14.42 23.15 20.18
N LYS A 138 -14.03 22.87 21.42
CA LYS A 138 -12.76 23.34 21.94
C LYS A 138 -11.61 22.60 21.27
N ALA A 139 -10.39 23.12 21.47
CA ALA A 139 -9.21 22.52 20.86
C ALA A 139 -9.00 21.09 21.36
N CYS A 140 -8.68 20.20 20.44
CA CYS A 140 -8.42 18.81 20.77
C CYS A 140 -6.93 18.59 21.02
N GLY A 141 -6.60 17.45 21.61
CA GLY A 141 -5.22 17.12 21.89
C GLY A 141 -4.87 17.28 23.35
N VAL A 142 -3.60 17.54 23.64
CA VAL A 142 -3.10 17.65 25.00
C VAL A 142 -2.94 19.12 25.36
N ASP A 143 -3.47 19.51 26.52
CA ASP A 143 -3.33 20.87 27.00
C ASP A 143 -3.24 20.88 28.51
N TYR A 144 -2.65 21.95 29.04
CA TYR A 144 -2.53 22.16 30.48
C TYR A 144 -3.46 23.29 30.90
N GLU A 145 -3.86 23.27 32.18
CA GLU A 145 -4.78 24.27 32.68
C GLU A 145 -4.55 24.46 34.17
N VAL A 146 -4.46 25.72 34.59
CA VAL A 146 -4.32 26.09 36.00
C VAL A 146 -5.67 26.60 36.48
N LYS A 147 -6.14 26.08 37.60
CA LYS A 147 -7.47 26.40 38.12
C LYS A 147 -7.36 26.75 39.60
N ALA A 148 -8.05 27.81 40.00
CA ALA A 148 -8.14 28.20 41.40
C ALA A 148 -9.60 28.38 41.77
N PHE A 149 -10.00 27.78 42.89
CA PHE A 149 -11.39 27.79 43.28
C PHE A 149 -11.50 27.76 44.80
N CYS A 150 -12.70 28.00 45.29
CA CYS A 150 -13.00 28.00 46.72
C CYS A 150 -14.12 27.02 46.99
N ALA A 151 -13.93 26.15 47.99
CA ALA A 151 -14.91 25.14 48.33
C ALA A 151 -14.55 24.55 49.68
N GLU A 152 -15.57 24.12 50.42
CA GLU A 152 -15.34 23.53 51.73
C GLU A 152 -14.62 22.19 51.67
N ASN A 153 -14.54 21.56 50.49
CA ASN A 153 -13.85 20.28 50.35
C ASN A 153 -13.48 20.08 48.89
N LEU A 154 -12.59 19.11 48.65
CA LEU A 154 -12.23 18.75 47.28
C LEU A 154 -13.43 18.20 46.51
N GLU A 155 -14.19 17.31 47.14
CA GLU A 155 -15.25 16.59 46.44
C GLU A 155 -16.52 17.43 46.27
N GLU A 156 -16.59 18.60 46.89
CA GLU A 156 -17.75 19.46 46.75
C GLU A 156 -17.87 19.93 45.31
N LYS A 157 -19.12 20.01 44.83
CA LYS A 157 -19.38 20.39 43.45
C LYS A 157 -18.80 21.76 43.16
N ILE A 158 -18.08 21.86 42.04
CA ILE A 158 -17.41 23.11 41.68
C ILE A 158 -18.38 24.02 40.94
N HIS A 159 -18.45 25.27 41.38
CA HIS A 159 -19.30 26.27 40.75
C HIS A 159 -18.41 27.22 39.94
N LYS A 160 -18.70 27.35 38.65
CA LYS A 160 -17.86 28.16 37.78
C LYS A 160 -17.78 29.60 38.26
N ARG A 161 -18.87 30.11 38.85
CA ARG A 161 -18.89 31.49 39.34
C ARG A 161 -17.79 31.76 40.35
N ASN A 162 -17.37 30.74 41.10
CA ASN A 162 -16.39 30.89 42.17
C ASN A 162 -15.05 30.28 41.81
N SER A 163 -14.63 30.40 40.56
CA SER A 163 -13.38 29.79 40.12
C SER A 163 -12.85 30.54 38.91
N VAL A 164 -11.57 30.31 38.62
CA VAL A 164 -10.91 30.84 37.44
C VAL A 164 -10.14 29.70 36.79
N ARG A 165 -9.73 29.92 35.54
CA ARG A 165 -8.90 28.95 34.85
C ARG A 165 -8.09 29.65 33.76
N LEU A 166 -6.83 29.25 33.65
CA LEU A 166 -5.94 29.72 32.60
C LEU A 166 -5.37 28.52 31.85
N VAL A 167 -5.10 28.72 30.57
CA VAL A 167 -4.44 27.71 29.75
C VAL A 167 -2.96 28.05 29.66
N ILE A 168 -2.11 27.10 30.03
CA ILE A 168 -0.67 27.26 29.97
C ILE A 168 -0.11 26.16 29.07
N ARG A 169 1.13 26.36 28.64
CA ARG A 169 1.77 25.44 27.71
C ARG A 169 3.09 24.95 28.26
N LYS A 170 3.50 23.76 27.82
CA LYS A 170 4.80 23.19 28.14
C LYS A 170 5.51 22.93 26.82
N VAL A 171 6.53 23.74 26.52
CA VAL A 171 7.14 23.74 25.21
C VAL A 171 8.62 23.40 25.33
N GLN A 172 9.20 23.01 24.20
CA GLN A 172 10.61 22.67 24.10
C GLN A 172 11.23 23.40 22.92
N TYR A 173 12.50 23.73 23.05
CA TYR A 173 13.25 24.44 22.02
C TYR A 173 14.40 23.59 21.52
N ALA A 174 14.99 24.03 20.42
CA ALA A 174 16.02 23.24 19.75
C ALA A 174 17.25 23.08 20.65
N PRO A 175 17.93 21.94 20.57
CA PRO A 175 19.15 21.75 21.36
C PRO A 175 20.24 22.70 20.93
N GLU A 176 21.17 22.95 21.84
CA GLU A 176 22.25 23.91 21.57
C GLU A 176 23.25 23.36 20.57
N ARG A 177 23.46 22.04 20.55
CA ARG A 177 24.45 21.43 19.67
C ARG A 177 23.78 20.39 18.79
N PRO A 178 23.96 20.46 17.47
CA PRO A 178 23.36 19.46 16.59
C PRO A 178 24.09 18.13 16.65
N GLY A 179 23.38 17.08 16.26
CA GLY A 179 23.92 15.75 16.24
C GLY A 179 24.65 15.45 14.95
N PRO A 180 25.02 14.19 14.74
CA PRO A 180 25.71 13.81 13.50
C PRO A 180 24.79 13.99 12.30
N GLN A 181 25.41 14.27 11.16
CA GLN A 181 24.65 14.46 9.92
C GLN A 181 23.89 13.18 9.57
N PRO A 182 22.58 13.26 9.32
CA PRO A 182 21.83 12.04 9.03
C PRO A 182 22.13 11.51 7.64
N THR A 183 22.54 10.25 7.57
CA THR A 183 22.84 9.58 6.32
C THR A 183 22.17 8.21 6.32
N ALA A 184 21.78 7.76 5.13
CA ALA A 184 21.16 6.46 4.98
C ALA A 184 21.29 5.99 3.54
N GLU A 185 21.45 4.69 3.37
CA GLU A 185 21.67 4.11 2.05
C GLU A 185 21.03 2.73 2.00
N THR A 186 20.80 2.26 0.78
CA THR A 186 20.23 0.95 0.55
C THR A 186 20.79 0.39 -0.75
N THR A 187 20.76 -0.95 -0.86
CA THR A 187 21.36 -1.65 -2.01
C THR A 187 20.38 -2.74 -2.45
N ARG A 188 19.51 -2.40 -3.39
CA ARG A 188 18.55 -3.36 -3.92
C ARG A 188 19.24 -4.24 -4.97
N GLN A 189 18.94 -5.54 -4.92
CA GLN A 189 19.49 -6.51 -5.86
C GLN A 189 18.34 -7.21 -6.57
N PHE A 190 18.36 -7.18 -7.89
CA PHE A 190 17.25 -7.68 -8.68
C PHE A 190 17.46 -9.13 -9.10
N LEU A 191 16.39 -9.74 -9.60
CA LEU A 191 16.42 -11.15 -9.96
C LEU A 191 17.21 -11.40 -11.23
N MET A 192 17.13 -10.49 -12.19
CA MET A 192 17.69 -10.75 -13.51
C MET A 192 19.21 -10.91 -13.47
N SER A 193 19.89 -10.06 -12.70
CA SER A 193 21.35 -10.05 -12.69
C SER A 193 21.85 -9.86 -11.26
N ASP A 194 23.13 -10.16 -11.06
CA ASP A 194 23.77 -10.05 -9.77
C ASP A 194 24.39 -8.67 -9.53
N LYS A 195 24.03 -7.68 -10.35
CA LYS A 195 24.49 -6.30 -10.21
C LYS A 195 23.44 -5.46 -9.54
N PRO A 196 23.76 -4.79 -8.43
CA PRO A 196 22.74 -4.13 -7.62
C PRO A 196 22.44 -2.71 -8.04
N LEU A 197 21.28 -2.23 -7.60
CA LEU A 197 20.87 -0.84 -7.75
C LEU A 197 21.09 -0.14 -6.41
N HIS A 198 21.97 0.85 -6.40
CA HIS A 198 22.46 1.45 -5.17
C HIS A 198 21.93 2.86 -5.03
N LEU A 199 21.48 3.21 -3.83
CA LEU A 199 20.90 4.52 -3.55
C LEU A 199 21.44 5.05 -2.24
N GLU A 200 21.81 6.32 -2.22
CA GLU A 200 22.26 7.00 -1.00
C GLU A 200 21.56 8.34 -0.89
N ALA A 201 21.41 8.81 0.34
CA ALA A 201 20.79 10.10 0.60
C ALA A 201 21.33 10.65 1.91
N SER A 202 21.22 11.97 2.07
CA SER A 202 21.69 12.63 3.27
C SER A 202 21.18 14.06 3.29
N LEU A 203 20.94 14.58 4.49
CA LEU A 203 20.57 15.97 4.69
C LEU A 203 21.79 16.76 5.14
N ASP A 204 21.70 18.08 4.99
CA ASP A 204 22.83 18.93 5.37
C ASP A 204 23.10 18.88 6.86
N LYS A 205 22.06 18.93 7.68
CA LYS A 205 22.23 19.03 9.12
C LYS A 205 21.04 18.37 9.82
N GLU A 206 21.22 18.13 11.12
CA GLU A 206 20.24 17.36 11.88
C GLU A 206 19.05 18.22 12.29
N ILE A 207 19.29 19.43 12.79
CA ILE A 207 18.24 20.27 13.35
C ILE A 207 17.84 21.32 12.32
N TYR A 208 16.56 21.36 11.98
CA TYR A 208 16.00 22.39 11.12
C TYR A 208 14.96 23.19 11.90
N TYR A 209 14.81 24.46 11.53
CA TYR A 209 13.83 25.34 12.14
C TYR A 209 12.58 25.43 11.29
N HIS A 210 11.54 26.03 11.88
CA HIS A 210 10.26 26.14 11.21
C HIS A 210 10.34 27.20 10.12
N GLY A 211 10.12 26.79 8.87
CA GLY A 211 10.25 27.64 7.72
C GLY A 211 11.59 27.54 7.02
N GLU A 212 12.60 27.01 7.70
CA GLU A 212 13.89 26.79 7.06
C GLU A 212 13.76 25.70 5.99
N PRO A 213 14.37 25.88 4.82
CA PRO A 213 14.20 24.88 3.76
C PRO A 213 15.09 23.66 3.98
N ILE A 214 14.50 22.49 3.78
CA ILE A 214 15.21 21.22 3.92
C ILE A 214 15.79 20.83 2.57
N SER A 215 17.10 20.66 2.51
CA SER A 215 17.78 20.27 1.28
C SER A 215 18.19 18.81 1.37
N VAL A 216 17.81 18.03 0.36
CA VAL A 216 18.06 16.59 0.34
C VAL A 216 19.03 16.29 -0.78
N ASN A 217 20.07 15.51 -0.48
CA ASN A 217 21.06 15.08 -1.46
C ASN A 217 20.78 13.64 -1.84
N VAL A 218 20.68 13.37 -3.15
CA VAL A 218 20.35 12.04 -3.66
C VAL A 218 21.47 11.60 -4.59
N HIS A 219 21.95 10.38 -4.39
CA HIS A 219 22.98 9.78 -5.22
C HIS A 219 22.53 8.38 -5.62
N VAL A 220 22.57 8.09 -6.92
CA VAL A 220 22.10 6.83 -7.46
C VAL A 220 23.20 6.22 -8.32
N THR A 221 23.42 4.92 -8.16
CA THR A 221 24.37 4.17 -8.98
C THR A 221 23.63 2.94 -9.50
N ASN A 222 23.19 2.99 -10.76
CA ASN A 222 22.34 1.96 -11.34
C ASN A 222 23.19 1.08 -12.25
N ASN A 223 23.60 -0.07 -11.74
CA ASN A 223 24.31 -1.07 -12.52
C ASN A 223 23.40 -2.16 -13.07
N THR A 224 22.11 -2.10 -12.76
CA THR A 224 21.18 -3.15 -13.18
C THR A 224 20.78 -2.93 -14.64
N ASN A 225 19.82 -3.72 -15.11
CA ASN A 225 19.29 -3.60 -16.46
C ASN A 225 17.97 -2.85 -16.53
N LYS A 226 17.52 -2.28 -15.41
CA LYS A 226 16.24 -1.60 -15.32
C LYS A 226 16.47 -0.11 -15.14
N THR A 227 15.72 0.70 -15.89
CA THR A 227 15.78 2.14 -15.77
C THR A 227 14.96 2.61 -14.57
N VAL A 228 15.35 3.77 -14.03
CA VAL A 228 14.60 4.42 -12.97
C VAL A 228 13.67 5.43 -13.62
N LYS A 229 12.38 5.34 -13.31
CA LYS A 229 11.40 6.20 -13.97
C LYS A 229 11.30 7.55 -13.30
N LYS A 230 11.15 7.57 -11.98
CA LYS A 230 10.93 8.81 -11.25
C LYS A 230 11.63 8.75 -9.90
N ILE A 231 11.91 9.92 -9.34
CA ILE A 231 12.45 10.06 -8.00
C ILE A 231 11.49 10.92 -7.19
N LYS A 232 11.08 10.41 -6.04
CA LYS A 232 10.07 11.06 -5.21
C LYS A 232 10.64 11.36 -3.83
N ILE A 233 10.51 12.61 -3.40
CA ILE A 233 10.97 13.06 -2.09
C ILE A 233 9.77 13.62 -1.34
N SER A 234 9.67 13.28 -0.06
CA SER A 234 8.56 13.74 0.75
C SER A 234 8.98 13.85 2.21
N VAL A 235 8.38 14.79 2.92
CA VAL A 235 8.55 14.97 4.36
C VAL A 235 7.26 14.53 5.04
N ARG A 236 7.38 13.59 5.97
CA ARG A 236 6.23 12.98 6.63
C ARG A 236 6.31 13.21 8.12
N GLN A 237 5.16 13.49 8.73
CA GLN A 237 5.05 13.74 10.16
C GLN A 237 4.55 12.49 10.85
N TYR A 238 5.35 11.95 11.76
CA TYR A 238 4.99 10.77 12.53
C TYR A 238 4.51 11.21 13.90
N ALA A 239 3.30 10.81 14.27
CA ALA A 239 2.73 11.14 15.56
C ALA A 239 2.24 9.88 16.24
N ASP A 240 2.70 9.64 17.47
CA ASP A 240 2.31 8.48 18.26
C ASP A 240 1.41 8.95 19.41
N ILE A 241 0.24 8.33 19.52
CA ILE A 241 -0.73 8.69 20.54
C ILE A 241 -0.86 7.51 21.51
N CYS A 242 -0.80 7.79 22.80
CA CYS A 242 -0.82 6.77 23.85
C CYS A 242 -1.93 7.07 24.84
N LEU A 243 -3.13 7.32 24.34
CA LEU A 243 -4.26 7.63 25.21
C LEU A 243 -4.68 6.41 26.02
N PHE A 244 -5.10 5.35 25.34
CA PHE A 244 -5.36 4.06 25.96
C PHE A 244 -4.41 2.98 25.48
N ASN A 245 -4.29 2.81 24.18
CA ASN A 245 -3.33 1.90 23.57
C ASN A 245 -2.59 2.64 22.48
N THR A 246 -1.34 2.23 22.24
CA THR A 246 -0.48 2.93 21.29
C THR A 246 -1.10 2.92 19.89
N ALA A 247 -1.17 4.11 19.29
CA ALA A 247 -1.62 4.27 17.92
C ALA A 247 -0.53 4.97 17.12
N GLN A 248 -0.51 4.73 15.82
CA GLN A 248 0.53 5.26 14.95
C GLN A 248 -0.08 5.69 13.62
N TYR A 249 0.24 6.90 13.20
CA TYR A 249 -0.21 7.39 11.89
C TYR A 249 0.90 8.23 11.27
N LYS A 250 0.89 8.28 9.94
CA LYS A 250 1.87 9.03 9.17
C LYS A 250 1.14 9.98 8.22
N CYS A 251 1.55 11.24 8.21
CA CYS A 251 0.93 12.26 7.38
C CYS A 251 2.01 13.03 6.63
N PRO A 252 1.96 13.09 5.31
CA PRO A 252 2.93 13.90 4.57
C PRO A 252 2.58 15.37 4.62
N VAL A 253 3.61 16.20 4.82
CA VAL A 253 3.44 17.64 4.94
C VAL A 253 4.07 18.42 3.80
N ALA A 254 4.93 17.79 3.00
CA ALA A 254 5.55 18.41 1.83
C ALA A 254 6.17 17.32 0.99
N MET A 255 6.16 17.53 -0.33
CA MET A 255 6.68 16.52 -1.24
C MET A 255 7.08 17.16 -2.55
N GLU A 256 7.91 16.45 -3.30
CA GLU A 256 8.36 16.88 -4.61
C GLU A 256 8.63 15.67 -5.48
N GLU A 257 8.01 15.63 -6.66
CA GLU A 257 8.21 14.56 -7.63
C GLU A 257 9.02 15.10 -8.79
N ALA A 258 10.17 14.47 -9.04
CA ALA A 258 11.07 14.89 -10.11
C ALA A 258 11.08 13.83 -11.20
N ASP A 259 10.91 14.25 -12.44
CA ASP A 259 10.90 13.35 -13.60
C ASP A 259 12.33 13.10 -14.09
N ASP A 260 13.16 12.59 -13.20
CA ASP A 260 14.53 12.22 -13.52
C ASP A 260 14.62 10.73 -13.78
N THR A 261 15.50 10.35 -14.72
CA THR A 261 15.67 8.97 -15.12
C THR A 261 17.15 8.61 -15.09
N VAL A 262 17.44 7.38 -14.69
CA VAL A 262 18.80 6.87 -14.64
C VAL A 262 18.89 5.66 -15.56
N ALA A 263 19.83 5.71 -16.49
CA ALA A 263 20.04 4.64 -17.46
C ALA A 263 20.95 3.56 -16.87
N PRO A 264 20.87 2.34 -17.39
CA PRO A 264 21.72 1.26 -16.86
C PRO A 264 23.19 1.58 -17.02
N SER A 265 23.98 1.11 -16.04
CA SER A 265 25.42 1.33 -16.02
C SER A 265 25.77 2.83 -16.01
N SER A 266 25.02 3.60 -15.24
CA SER A 266 25.23 5.04 -15.16
C SER A 266 24.88 5.53 -13.77
N THR A 267 25.48 6.65 -13.38
CA THR A 267 25.26 7.26 -12.08
C THR A 267 24.36 8.48 -12.24
N PHE A 268 24.00 9.08 -11.11
CA PHE A 268 23.13 10.25 -11.09
C PHE A 268 23.25 10.92 -9.73
N CYS A 269 23.26 12.25 -9.74
CA CYS A 269 23.35 13.01 -8.50
C CYS A 269 22.58 14.31 -8.65
N LYS A 270 21.87 14.69 -7.58
CA LYS A 270 21.08 15.92 -7.59
C LYS A 270 20.83 16.34 -6.14
N VAL A 271 20.40 17.58 -5.97
CA VAL A 271 20.05 18.13 -4.67
C VAL A 271 18.66 18.72 -4.77
N TYR A 272 17.75 18.22 -3.93
CA TYR A 272 16.38 18.70 -3.88
C TYR A 272 16.17 19.55 -2.63
N THR A 273 15.14 20.40 -2.68
CA THR A 273 14.84 21.31 -1.58
C THR A 273 13.36 21.22 -1.25
N LEU A 274 13.04 21.19 0.04
CA LEU A 274 11.67 21.14 0.52
C LEU A 274 11.52 22.06 1.72
N THR A 275 10.28 22.46 1.98
CA THR A 275 9.99 23.36 3.11
C THR A 275 8.58 23.04 3.60
N PRO A 276 8.46 22.30 4.70
CA PRO A 276 7.13 22.05 5.27
C PRO A 276 6.52 23.34 5.79
N PHE A 277 5.26 23.58 5.44
CA PHE A 277 4.56 24.77 5.89
C PHE A 277 3.06 24.50 5.88
N LEU A 278 2.32 25.32 6.62
CA LEU A 278 0.91 25.04 6.91
C LEU A 278 -0.04 25.59 5.86
N ALA A 279 0.43 26.46 4.96
CA ALA A 279 -0.48 27.09 4.02
C ALA A 279 -1.14 26.07 3.09
N ASN A 280 -0.38 25.09 2.63
CA ASN A 280 -0.89 24.06 1.73
C ASN A 280 -1.37 22.80 2.44
N ASN A 281 -1.34 22.80 3.78
CA ASN A 281 -1.81 21.65 4.57
C ASN A 281 -3.06 21.98 5.37
N ARG A 282 -3.83 22.98 4.94
CA ARG A 282 -5.02 23.39 5.69
C ARG A 282 -6.09 22.30 5.69
N GLU A 283 -6.13 21.47 4.65
CA GLU A 283 -7.22 20.51 4.47
C GLU A 283 -6.96 19.17 5.17
N LYS A 284 -5.77 18.97 5.74
CA LYS A 284 -5.41 17.68 6.33
C LYS A 284 -5.92 17.64 7.76
N ARG A 285 -7.11 17.08 7.96
CA ARG A 285 -7.64 16.89 9.30
C ARG A 285 -6.78 15.92 10.09
N GLY A 286 -6.60 16.22 11.38
CA GLY A 286 -5.82 15.38 12.25
C GLY A 286 -4.34 15.68 12.28
N LEU A 287 -3.86 16.61 11.47
CA LEU A 287 -2.46 16.99 11.49
C LEU A 287 -2.11 17.63 12.82
N ALA A 288 -0.95 17.26 13.37
CA ALA A 288 -0.56 17.72 14.69
C ALA A 288 0.07 19.11 14.61
N LEU A 289 -0.41 20.03 15.45
CA LEU A 289 0.10 21.39 15.50
C LEU A 289 0.49 21.74 16.93
N ASP A 290 1.31 22.77 17.05
CA ASP A 290 1.73 23.22 18.38
C ASP A 290 0.53 23.72 19.18
N GLY A 291 0.57 23.50 20.49
CA GLY A 291 -0.54 23.79 21.37
C GLY A 291 -1.05 25.21 21.30
N LYS A 292 -2.37 25.37 21.22
CA LYS A 292 -3.00 26.67 21.12
C LYS A 292 -3.66 27.02 22.44
N LEU A 293 -3.55 28.30 22.83
CA LEU A 293 -4.30 28.79 23.98
C LEU A 293 -5.77 29.01 23.62
N LYS A 294 -6.02 29.43 22.39
CA LYS A 294 -7.37 29.70 21.89
C LYS A 294 -7.41 29.19 20.45
N HIS A 295 -8.38 29.67 19.67
CA HIS A 295 -8.55 29.23 18.30
C HIS A 295 -7.64 29.98 17.32
N GLU A 296 -6.50 30.48 17.81
CA GLU A 296 -5.52 31.17 17.00
C GLU A 296 -4.88 30.21 16.00
N ASP A 297 -3.94 30.75 15.22
CA ASP A 297 -3.18 29.98 14.25
C ASP A 297 -1.80 29.64 14.81
N THR A 298 -1.38 28.40 14.60
CA THR A 298 -0.07 27.95 15.05
C THR A 298 0.54 27.08 13.96
N ASN A 299 1.87 26.91 14.03
CA ASN A 299 2.63 26.22 13.01
C ASN A 299 2.55 24.71 13.20
N LEU A 300 3.29 23.97 12.37
CA LEU A 300 3.36 22.52 12.52
C LEU A 300 4.00 22.14 13.84
N ALA A 301 3.56 21.02 14.40
CA ALA A 301 4.03 20.60 15.71
C ALA A 301 5.54 20.37 15.69
N SER A 302 6.22 20.94 16.66
CA SER A 302 7.67 20.76 16.77
C SER A 302 7.98 19.38 17.36
N SER A 303 9.16 18.87 17.01
CA SER A 303 9.55 17.53 17.45
C SER A 303 9.64 17.46 18.97
N THR A 304 9.30 16.31 19.52
CA THR A 304 9.35 16.08 20.96
C THR A 304 10.66 15.37 21.30
N LEU A 305 11.37 15.90 22.28
CA LEU A 305 12.62 15.32 22.75
C LEU A 305 12.32 14.33 23.87
N LEU A 306 12.73 13.08 23.69
CA LEU A 306 12.54 12.07 24.72
C LEU A 306 13.73 12.08 25.68
N ARG A 307 13.46 11.60 26.91
CA ARG A 307 14.46 11.63 27.97
C ARG A 307 15.46 10.49 27.76
N GLU A 308 16.23 10.61 26.69
CA GLU A 308 17.25 9.64 26.29
C GLU A 308 16.60 8.26 26.19
N GLY A 309 17.12 7.24 26.85
CA GLY A 309 16.57 5.91 26.75
C GLY A 309 15.55 5.57 27.81
N ALA A 310 14.67 6.50 28.15
CA ALA A 310 13.60 6.23 29.10
C ALA A 310 12.33 5.78 28.39
N ASN A 311 11.76 6.66 27.56
CA ASN A 311 10.65 6.35 26.66
C ASN A 311 9.61 5.43 27.27
N ARG A 312 9.20 5.70 28.52
CA ARG A 312 8.27 4.82 29.23
C ARG A 312 6.84 5.03 28.74
N GLU A 313 6.66 4.77 27.44
CA GLU A 313 5.38 4.91 26.75
C GLU A 313 4.67 6.20 27.18
N ILE A 314 5.33 7.32 26.88
CA ILE A 314 4.85 8.63 27.31
C ILE A 314 3.42 8.84 26.85
N LEU A 315 2.62 9.48 27.70
CA LEU A 315 1.23 9.73 27.41
C LEU A 315 1.13 10.80 26.33
N GLY A 316 -0.10 11.19 25.99
CA GLY A 316 -0.29 12.25 25.03
C GLY A 316 0.24 11.89 23.66
N ILE A 317 0.81 12.88 22.98
CA ILE A 317 1.22 12.76 21.59
C ILE A 317 2.73 12.97 21.49
N ILE A 318 3.38 12.11 20.72
CA ILE A 318 4.81 12.21 20.45
C ILE A 318 4.99 12.45 18.96
N VAL A 319 5.65 13.55 18.61
CA VAL A 319 5.74 14.01 17.22
C VAL A 319 7.18 13.86 16.74
N SER A 320 7.34 13.32 15.53
CA SER A 320 8.64 13.17 14.90
C SER A 320 8.48 13.26 13.40
N TYR A 321 9.59 13.57 12.72
CA TYR A 321 9.58 13.80 11.28
C TYR A 321 10.63 12.93 10.61
N LYS A 322 10.38 12.60 9.33
CA LYS A 322 11.33 11.88 8.52
C LYS A 322 11.23 12.36 7.08
N VAL A 323 12.29 12.12 6.31
CA VAL A 323 12.33 12.39 4.88
C VAL A 323 12.49 11.06 4.15
N LYS A 324 11.62 10.80 3.18
CA LYS A 324 11.62 9.54 2.45
C LYS A 324 12.01 9.81 1.00
N VAL A 325 13.04 9.09 0.54
CA VAL A 325 13.50 9.17 -0.85
C VAL A 325 13.11 7.86 -1.52
N LYS A 326 12.31 7.96 -2.58
CA LYS A 326 11.77 6.78 -3.26
C LYS A 326 12.13 6.83 -4.74
N LEU A 327 12.52 5.68 -5.28
CA LEU A 327 12.86 5.54 -6.69
C LEU A 327 11.83 4.63 -7.36
N VAL A 328 11.24 5.12 -8.44
CA VAL A 328 10.27 4.33 -9.20
C VAL A 328 11.03 3.61 -10.31
N VAL A 329 10.94 2.27 -10.31
CA VAL A 329 11.70 1.44 -11.23
C VAL A 329 10.74 0.87 -12.26
N SER A 330 11.23 0.70 -13.49
CA SER A 330 10.41 0.23 -14.59
C SER A 330 9.97 -1.21 -14.35
N ARG A 331 8.86 -1.58 -15.02
CA ARG A 331 8.25 -2.88 -14.87
C ARG A 331 8.27 -3.62 -16.21
N GLY A 332 8.18 -4.93 -16.14
CA GLY A 332 8.15 -5.77 -17.32
C GLY A 332 8.90 -7.06 -17.06
N GLY A 333 9.25 -7.74 -18.14
CA GLY A 333 9.98 -8.98 -18.05
C GLY A 333 9.14 -10.17 -17.65
N LEU A 334 9.72 -11.06 -16.83
CA LEU A 334 9.03 -12.30 -16.46
C LEU A 334 7.81 -12.02 -15.60
N LEU A 335 7.99 -11.26 -14.52
CA LEU A 335 6.93 -11.06 -13.54
C LEU A 335 6.05 -9.88 -13.86
N GLY A 336 6.58 -8.84 -14.49
CA GLY A 336 5.80 -7.69 -14.86
C GLY A 336 5.31 -6.85 -13.68
N ASP A 337 3.99 -6.72 -13.57
CA ASP A 337 3.36 -5.82 -12.61
C ASP A 337 3.26 -6.47 -11.23
N LEU A 338 3.58 -7.75 -11.13
CA LEU A 338 3.32 -8.52 -9.93
C LEU A 338 4.34 -8.28 -8.82
N ALA A 339 5.60 -8.05 -9.17
CA ALA A 339 6.63 -7.82 -8.17
C ALA A 339 6.65 -6.35 -7.72
N SER A 340 7.35 -6.10 -6.62
CA SER A 340 7.55 -4.75 -6.11
C SER A 340 8.97 -4.30 -6.46
N SER A 341 9.07 -3.42 -7.45
CA SER A 341 10.37 -3.03 -8.00
C SER A 341 10.93 -1.75 -7.41
N ASP A 342 10.18 -1.05 -6.56
CA ASP A 342 10.59 0.26 -6.09
C ASP A 342 11.62 0.15 -4.96
N VAL A 343 12.45 1.18 -4.86
CA VAL A 343 13.50 1.27 -3.85
C VAL A 343 13.28 2.54 -3.04
N ALA A 344 13.52 2.47 -1.74
CA ALA A 344 13.24 3.60 -0.87
C ALA A 344 14.21 3.62 0.30
N VAL A 345 14.34 4.80 0.91
CA VAL A 345 15.17 4.99 2.09
C VAL A 345 14.65 6.21 2.83
N GLU A 346 14.79 6.20 4.15
CA GLU A 346 14.23 7.26 4.99
C GLU A 346 15.30 7.89 5.86
N LEU A 347 15.21 9.20 6.03
CA LEU A 347 16.15 9.98 6.82
C LEU A 347 15.42 10.72 7.93
N PRO A 348 15.70 10.46 9.20
CA PRO A 348 15.05 11.21 10.28
C PRO A 348 15.73 12.54 10.54
N PHE A 349 14.92 13.52 10.94
CA PHE A 349 15.45 14.84 11.26
C PHE A 349 14.60 15.47 12.35
N THR A 350 15.04 16.64 12.82
CA THR A 350 14.42 17.34 13.93
C THR A 350 13.95 18.72 13.47
N LEU A 351 12.74 19.09 13.85
CA LEU A 351 12.14 20.37 13.49
C LEU A 351 11.71 21.08 14.76
N MET A 352 12.30 22.25 15.03
CA MET A 352 12.07 22.92 16.30
C MET A 352 12.36 24.41 16.15
N HIS A 353 11.89 25.18 17.13
CA HIS A 353 12.23 26.60 17.23
C HIS A 353 13.57 26.77 17.93
N PRO A 354 14.29 27.86 17.64
CA PRO A 354 15.42 28.23 18.48
C PRO A 354 14.93 28.82 19.79
N LYS A 355 15.86 28.93 20.74
CA LYS A 355 15.52 29.49 22.04
C LYS A 355 15.22 30.98 21.92
N PRO A 356 14.05 31.46 22.34
CA PRO A 356 13.77 32.89 22.25
C PRO A 356 14.67 33.68 23.17
N LYS A 357 14.91 34.94 22.81
CA LYS A 357 15.81 35.78 23.59
C LYS A 357 15.19 36.12 24.94
N GLU A 358 14.07 36.80 24.94
CA GLU A 358 13.56 37.29 26.21
C GLU A 358 12.11 36.91 26.49
N GLU A 359 11.23 36.90 25.47
CA GLU A 359 9.79 36.82 25.74
C GLU A 359 9.22 35.45 25.34
N PRO A 360 8.04 35.04 25.87
CA PRO A 360 7.39 33.79 25.44
C PRO A 360 6.83 34.00 24.03
N PRO A 361 6.54 32.95 23.23
CA PRO A 361 5.94 33.17 21.91
C PRO A 361 4.68 34.04 22.01
N HIS A 362 4.49 34.89 21.01
CA HIS A 362 3.35 35.78 20.95
C HIS A 362 2.19 35.17 20.17
N ARG A 363 1.00 35.73 20.37
CA ARG A 363 -0.24 35.14 19.87
C ARG A 363 -0.78 36.00 18.72
N GLU A 364 -0.39 35.67 17.50
CA GLU A 364 -0.85 36.35 16.29
C GLU A 364 -0.60 37.86 16.39
N VAL A 365 0.68 38.20 16.38
CA VAL A 365 1.15 39.52 16.81
C VAL A 365 0.36 40.63 16.11
N PRO A 366 0.34 40.73 14.75
CA PRO A 366 -0.66 41.62 14.13
C PRO A 366 -1.99 40.90 13.98
N GLU A 367 -2.96 41.28 14.80
CA GLU A 367 -4.27 40.63 14.76
C GLU A 367 -5.11 41.21 13.64
N SER A 368 -5.94 40.35 13.05
CA SER A 368 -6.81 40.74 11.95
C SER A 368 -7.91 41.69 12.44
N ARG B 7 2.34 -49.03 -23.29
CA ARG B 7 2.88 -48.23 -24.38
C ARG B 7 3.97 -47.29 -23.88
N VAL B 8 5.00 -47.10 -24.70
CA VAL B 8 6.13 -46.24 -24.37
C VAL B 8 6.30 -45.20 -25.47
N PHE B 9 6.99 -44.12 -25.13
CA PHE B 9 7.26 -43.03 -26.05
C PHE B 9 8.66 -43.16 -26.64
N LYS B 10 8.79 -42.77 -27.90
CA LYS B 10 10.07 -42.82 -28.57
C LYS B 10 10.24 -41.59 -29.45
N LYS B 11 11.50 -41.27 -29.76
CA LYS B 11 11.84 -40.13 -30.59
C LYS B 11 13.11 -40.44 -31.35
N ALA B 12 13.22 -39.87 -32.55
CA ALA B 12 14.36 -40.12 -33.43
C ALA B 12 14.99 -38.81 -33.86
N SER B 13 16.29 -38.86 -34.12
CA SER B 13 17.03 -37.68 -34.52
C SER B 13 16.62 -37.25 -35.93
N PRO B 14 16.83 -35.98 -36.28
CA PRO B 14 16.57 -35.56 -37.66
C PRO B 14 17.35 -36.36 -38.68
N ASN B 15 18.56 -36.80 -38.33
CA ASN B 15 19.30 -37.71 -39.21
C ASN B 15 18.67 -39.10 -39.22
N GLY B 16 18.13 -39.55 -38.08
CA GLY B 16 17.42 -40.81 -38.00
C GLY B 16 18.23 -41.99 -37.52
N LYS B 17 19.53 -41.82 -37.28
CA LYS B 17 20.39 -42.92 -36.86
C LYS B 17 20.41 -43.15 -35.36
N LEU B 18 19.73 -42.31 -34.58
CA LEU B 18 19.71 -42.44 -33.13
C LEU B 18 18.28 -42.27 -32.62
N THR B 19 17.94 -43.05 -31.59
CA THR B 19 16.59 -43.06 -31.04
C THR B 19 16.67 -43.35 -29.56
N VAL B 20 15.82 -42.68 -28.78
CA VAL B 20 15.77 -42.86 -27.33
C VAL B 20 14.33 -43.15 -26.92
N TYR B 21 14.16 -44.07 -25.98
CA TYR B 21 12.86 -44.51 -25.52
C TYR B 21 12.65 -44.10 -24.07
N LEU B 22 11.43 -43.67 -23.75
CA LEU B 22 11.04 -43.37 -22.38
C LEU B 22 9.74 -44.08 -22.04
N GLY B 23 9.60 -44.45 -20.77
CA GLY B 23 8.41 -45.16 -20.33
C GLY B 23 7.28 -44.24 -19.90
N LYS B 24 7.60 -42.98 -19.65
CA LYS B 24 6.61 -42.00 -19.19
C LYS B 24 7.22 -40.62 -19.31
N ARG B 25 6.40 -39.60 -19.09
CA ARG B 25 6.83 -38.21 -19.17
C ARG B 25 6.75 -37.49 -17.83
N ASP B 26 5.87 -37.91 -16.93
CA ASP B 26 5.72 -37.28 -15.62
C ASP B 26 6.32 -38.19 -14.57
N PHE B 27 7.37 -37.71 -13.91
CA PHE B 27 8.05 -38.47 -12.87
C PHE B 27 7.65 -37.91 -11.51
N VAL B 28 7.01 -38.74 -10.71
CA VAL B 28 6.45 -38.30 -9.43
C VAL B 28 7.57 -38.08 -8.42
N ASP B 29 7.39 -37.07 -7.57
CA ASP B 29 8.32 -36.76 -6.50
C ASP B 29 7.63 -37.06 -5.17
N HIS B 30 8.16 -38.04 -4.43
CA HIS B 30 7.60 -38.42 -3.15
C HIS B 30 8.23 -37.67 -1.98
N ILE B 31 8.88 -36.52 -2.26
CA ILE B 31 9.52 -35.66 -1.27
C ILE B 31 10.78 -36.30 -0.72
N ASP B 32 10.67 -37.55 -0.27
CA ASP B 32 11.84 -38.25 0.26
C ASP B 32 12.75 -38.73 -0.86
N LEU B 33 12.17 -39.16 -1.99
CA LEU B 33 12.96 -39.64 -3.12
C LEU B 33 12.11 -39.55 -4.37
N VAL B 34 12.75 -39.17 -5.48
CA VAL B 34 12.09 -38.97 -6.77
C VAL B 34 12.18 -40.25 -7.58
N ASP B 35 11.20 -40.47 -8.45
CA ASP B 35 11.19 -41.66 -9.28
C ASP B 35 12.42 -41.66 -10.20
N PRO B 36 13.02 -42.82 -10.44
CA PRO B 36 14.18 -42.86 -11.35
C PRO B 36 13.77 -42.57 -12.77
N VAL B 37 14.68 -41.93 -13.51
CA VAL B 37 14.49 -41.64 -14.92
C VAL B 37 15.23 -42.72 -15.70
N ASP B 38 14.49 -43.56 -16.41
CA ASP B 38 15.07 -44.68 -17.13
C ASP B 38 14.61 -44.65 -18.58
N GLY B 39 15.41 -45.26 -19.44
CA GLY B 39 15.13 -45.24 -20.86
C GLY B 39 16.13 -46.12 -21.58
N VAL B 40 15.89 -46.27 -22.88
CA VAL B 40 16.69 -47.15 -23.71
C VAL B 40 17.07 -46.41 -24.97
N VAL B 41 18.36 -46.44 -25.31
CA VAL B 41 18.87 -45.77 -26.49
C VAL B 41 19.16 -46.81 -27.56
N LEU B 42 18.64 -46.59 -28.76
CA LEU B 42 18.90 -47.46 -29.90
C LEU B 42 19.99 -46.84 -30.75
N VAL B 43 21.09 -47.57 -30.93
CA VAL B 43 22.26 -47.02 -31.60
C VAL B 43 22.48 -47.73 -32.94
N ASP B 44 23.50 -47.29 -33.67
CA ASP B 44 23.86 -47.90 -34.95
C ASP B 44 25.37 -47.80 -35.11
N PRO B 45 26.11 -48.83 -34.67
CA PRO B 45 27.57 -48.72 -34.65
C PRO B 45 28.21 -48.48 -36.01
N GLU B 46 27.66 -49.05 -37.07
CA GLU B 46 28.23 -48.84 -38.41
C GLU B 46 28.08 -47.40 -38.85
N TYR B 47 26.96 -46.76 -38.53
CA TYR B 47 26.73 -45.35 -38.82
C TYR B 47 27.26 -44.45 -37.72
N LEU B 48 27.94 -45.01 -36.72
CA LEU B 48 28.46 -44.27 -35.58
C LEU B 48 29.95 -44.59 -35.44
N LYS B 49 30.78 -43.81 -36.13
CA LYS B 49 32.22 -43.86 -35.93
C LYS B 49 32.69 -42.88 -34.86
N GLU B 50 31.77 -42.18 -34.21
CA GLU B 50 32.12 -41.22 -33.18
C GLU B 50 32.69 -41.90 -31.94
N ARG B 51 32.48 -43.21 -31.79
CA ARG B 51 32.96 -44.06 -30.71
C ARG B 51 32.27 -43.78 -29.39
N ARG B 52 31.37 -42.80 -29.31
CA ARG B 52 30.67 -42.50 -28.07
C ARG B 52 29.22 -42.12 -28.38
N VAL B 53 28.35 -42.42 -27.42
CA VAL B 53 26.98 -41.89 -27.39
C VAL B 53 26.71 -41.47 -25.95
N TYR B 54 26.18 -40.27 -25.78
CA TYR B 54 26.01 -39.69 -24.46
C TYR B 54 24.53 -39.43 -24.19
N VAL B 55 24.16 -39.53 -22.92
CA VAL B 55 22.84 -39.14 -22.46
C VAL B 55 23.03 -38.01 -21.45
N THR B 56 22.00 -37.18 -21.28
CA THR B 56 22.11 -36.05 -20.38
C THR B 56 20.74 -35.67 -19.83
N LEU B 57 20.70 -35.37 -18.54
CA LEU B 57 19.51 -34.83 -17.88
C LEU B 57 19.85 -33.44 -17.37
N THR B 58 18.94 -32.49 -17.62
CA THR B 58 19.24 -31.10 -17.35
C THR B 58 17.99 -30.39 -16.86
N CYS B 59 18.03 -29.90 -15.62
CA CYS B 59 17.02 -29.00 -15.09
C CYS B 59 17.52 -27.58 -15.27
N ALA B 60 16.79 -26.79 -16.06
CA ALA B 60 17.27 -25.49 -16.50
C ALA B 60 16.20 -24.43 -16.29
N PHE B 61 16.64 -23.26 -15.85
CA PHE B 61 15.78 -22.08 -15.76
C PHE B 61 15.90 -21.29 -17.05
N ARG B 62 14.79 -21.12 -17.76
CA ARG B 62 14.76 -20.38 -19.01
C ARG B 62 13.83 -19.19 -18.85
N TYR B 63 14.28 -18.03 -19.32
CA TYR B 63 13.52 -16.80 -19.10
C TYR B 63 13.87 -15.79 -20.18
N GLY B 64 12.87 -15.02 -20.60
CA GLY B 64 13.05 -14.03 -21.64
C GLY B 64 13.52 -12.71 -21.07
N ARG B 65 14.53 -12.13 -21.71
CA ARG B 65 15.11 -10.88 -21.23
C ARG B 65 14.18 -9.70 -21.48
N GLU B 66 14.28 -8.70 -20.60
CA GLU B 66 13.53 -7.47 -20.75
C GLU B 66 14.30 -6.38 -21.48
N ASP B 67 15.60 -6.28 -21.21
CA ASP B 67 16.42 -5.28 -21.89
C ASP B 67 16.64 -5.65 -23.35
N LEU B 68 16.79 -6.94 -23.65
CA LEU B 68 16.97 -7.38 -25.02
C LEU B 68 15.66 -7.22 -25.79
N ASP B 69 15.70 -6.48 -26.90
CA ASP B 69 14.50 -6.25 -27.71
C ASP B 69 14.18 -7.43 -28.62
N VAL B 70 15.12 -8.34 -28.83
CA VAL B 70 14.88 -9.46 -29.73
C VAL B 70 13.95 -10.46 -29.06
N LEU B 71 12.91 -10.85 -29.79
CA LEU B 71 11.96 -11.84 -29.29
C LEU B 71 12.40 -13.25 -29.64
N GLY B 72 11.92 -14.20 -28.86
CA GLY B 72 12.29 -15.60 -29.01
C GLY B 72 13.55 -15.99 -28.27
N LEU B 73 14.54 -15.10 -28.25
CA LEU B 73 15.78 -15.37 -27.53
C LEU B 73 15.55 -15.27 -26.02
N THR B 74 16.10 -16.24 -25.29
CA THR B 74 15.97 -16.30 -23.85
C THR B 74 17.31 -16.66 -23.24
N PHE B 75 17.53 -16.22 -22.00
CA PHE B 75 18.70 -16.60 -21.25
C PHE B 75 18.40 -17.86 -20.44
N ARG B 76 19.42 -18.69 -20.27
CA ARG B 76 19.25 -20.01 -19.67
C ARG B 76 20.30 -20.23 -18.60
N LYS B 77 19.92 -20.94 -17.55
CA LYS B 77 20.82 -21.25 -16.45
C LYS B 77 20.59 -22.68 -16.00
N ASP B 78 21.68 -23.42 -15.80
CA ASP B 78 21.59 -24.80 -15.33
C ASP B 78 21.36 -24.84 -13.82
N LEU B 79 20.41 -25.67 -13.40
CA LEU B 79 20.18 -25.93 -11.98
C LEU B 79 20.78 -27.26 -11.55
N PHE B 80 20.64 -28.30 -12.36
CA PHE B 80 21.22 -29.60 -12.08
C PHE B 80 21.45 -30.32 -13.40
N VAL B 81 22.66 -30.86 -13.58
CA VAL B 81 23.06 -31.49 -14.82
C VAL B 81 23.72 -32.83 -14.52
N ALA B 82 23.34 -33.86 -15.29
CA ALA B 82 23.93 -35.19 -15.15
C ALA B 82 24.15 -35.76 -16.54
N ASN B 83 25.04 -36.75 -16.63
CA ASN B 83 25.40 -37.32 -17.92
C ASN B 83 25.80 -38.78 -17.73
N VAL B 84 25.75 -39.53 -18.83
CA VAL B 84 25.97 -40.98 -18.81
C VAL B 84 26.63 -41.40 -20.12
N GLN B 85 27.53 -42.39 -20.03
CA GLN B 85 28.05 -43.09 -21.20
C GLN B 85 27.10 -44.24 -21.54
N SER B 86 26.73 -44.35 -22.81
CA SER B 86 25.71 -45.33 -23.17
C SER B 86 26.16 -46.34 -24.21
N PHE B 87 26.85 -45.92 -25.29
CA PHE B 87 27.18 -46.89 -26.34
C PHE B 87 28.30 -47.84 -25.91
N PRO B 88 29.49 -47.36 -25.55
CA PRO B 88 30.48 -48.27 -24.98
C PRO B 88 30.13 -48.55 -23.53
N PRO B 89 29.72 -49.79 -23.21
CA PRO B 89 29.22 -50.07 -21.85
C PRO B 89 30.25 -49.71 -20.79
N ALA B 90 29.93 -48.70 -19.99
CA ALA B 90 30.86 -48.20 -19.00
C ALA B 90 30.90 -49.16 -17.81
N PRO B 91 32.06 -49.72 -17.47
CA PRO B 91 32.12 -50.62 -16.30
C PRO B 91 31.78 -49.93 -15.00
N GLU B 92 32.05 -48.63 -14.89
CA GLU B 92 31.81 -47.91 -13.64
C GLU B 92 30.36 -47.45 -13.48
N ASP B 93 29.59 -47.45 -14.56
CA ASP B 93 28.21 -46.98 -14.53
C ASP B 93 27.20 -48.13 -14.52
N LYS B 94 27.57 -49.27 -13.95
CA LYS B 94 26.69 -50.43 -13.93
C LYS B 94 25.59 -50.26 -12.90
N LYS B 95 24.35 -50.45 -13.32
CA LYS B 95 23.18 -50.44 -12.45
C LYS B 95 22.23 -51.53 -12.91
N PRO B 96 21.44 -52.11 -11.99
CA PRO B 96 20.49 -53.14 -12.40
C PRO B 96 19.40 -52.57 -13.31
N LEU B 97 18.98 -53.40 -14.26
CA LEU B 97 17.97 -52.98 -15.23
C LEU B 97 16.59 -53.06 -14.61
N THR B 98 15.75 -52.09 -14.95
CA THR B 98 14.37 -52.06 -14.47
C THR B 98 13.52 -53.06 -15.24
N ARG B 99 12.25 -53.19 -14.81
CA ARG B 99 11.35 -54.15 -15.46
C ARG B 99 11.10 -53.79 -16.91
N LEU B 100 10.84 -52.51 -17.18
CA LEU B 100 10.57 -52.09 -18.56
C LEU B 100 11.83 -52.08 -19.40
N GLN B 101 12.97 -51.70 -18.80
CA GLN B 101 14.19 -51.51 -19.56
C GLN B 101 14.71 -52.83 -20.12
N GLU B 102 14.68 -53.89 -19.31
CA GLU B 102 15.17 -55.18 -19.78
C GLU B 102 14.30 -55.72 -20.91
N ARG B 103 13.00 -55.50 -20.85
CA ARG B 103 12.11 -55.97 -21.92
C ARG B 103 12.25 -55.12 -23.17
N LEU B 104 12.54 -53.82 -23.02
CA LEU B 104 12.88 -53.02 -24.19
C LEU B 104 14.15 -53.54 -24.85
N ILE B 105 15.16 -53.90 -24.05
CA ILE B 105 16.36 -54.53 -24.60
C ILE B 105 16.01 -55.82 -25.32
N LYS B 106 15.13 -56.63 -24.72
CA LYS B 106 14.76 -57.90 -25.32
C LYS B 106 14.09 -57.70 -26.67
N LYS B 107 13.20 -56.71 -26.78
CA LYS B 107 12.55 -56.43 -28.05
C LYS B 107 13.53 -55.90 -29.09
N LEU B 108 14.31 -54.88 -28.72
CA LEU B 108 15.11 -54.18 -29.72
C LEU B 108 16.36 -54.96 -30.14
N GLY B 109 16.91 -55.77 -29.25
CA GLY B 109 18.05 -56.61 -29.61
C GLY B 109 19.39 -56.14 -29.09
N GLU B 110 20.46 -56.47 -29.81
CA GLU B 110 21.81 -56.19 -29.34
C GLU B 110 22.13 -54.71 -29.38
N HIS B 111 21.79 -54.04 -30.49
CA HIS B 111 22.16 -52.63 -30.66
C HIS B 111 21.19 -51.70 -29.94
N ALA B 112 20.95 -51.96 -28.66
CA ALA B 112 20.14 -51.08 -27.84
C ALA B 112 20.71 -51.12 -26.43
N TYR B 113 20.97 -49.94 -25.86
CA TYR B 113 21.68 -49.87 -24.60
C TYR B 113 20.90 -49.04 -23.61
N PRO B 114 20.94 -49.40 -22.33
CA PRO B 114 20.15 -48.71 -21.32
C PRO B 114 20.85 -47.50 -20.73
N PHE B 115 20.08 -46.71 -19.99
CA PHE B 115 20.60 -45.59 -19.22
C PHE B 115 19.60 -45.28 -18.12
N THR B 116 20.12 -44.86 -16.96
CA THR B 116 19.29 -44.54 -15.81
C THR B 116 19.87 -43.34 -15.08
N PHE B 117 19.00 -42.47 -14.59
CA PHE B 117 19.38 -41.35 -13.74
C PHE B 117 18.67 -41.45 -12.40
N GLU B 118 19.07 -40.58 -11.48
CA GLU B 118 18.44 -40.48 -10.17
C GLU B 118 18.41 -39.00 -9.80
N ILE B 119 17.24 -38.39 -9.89
CA ILE B 119 17.09 -36.98 -9.57
C ILE B 119 17.25 -36.81 -8.06
N PRO B 120 18.23 -36.02 -7.60
CA PRO B 120 18.39 -35.84 -6.16
C PRO B 120 17.24 -35.03 -5.60
N PRO B 121 16.93 -35.21 -4.31
CA PRO B 121 15.83 -34.47 -3.70
C PRO B 121 16.17 -33.00 -3.54
N ASN B 122 15.16 -32.23 -3.12
CA ASN B 122 15.27 -30.78 -2.95
C ASN B 122 15.63 -30.10 -4.26
N LEU B 123 14.85 -30.37 -5.29
CA LEU B 123 14.98 -29.75 -6.60
C LEU B 123 13.63 -29.21 -7.04
N PRO B 124 13.63 -28.20 -7.89
CA PRO B 124 12.35 -27.57 -8.27
C PRO B 124 11.48 -28.50 -9.09
N CYS B 125 10.17 -28.29 -8.97
CA CYS B 125 9.20 -28.96 -9.80
C CYS B 125 8.88 -28.11 -11.02
N SER B 126 8.48 -28.76 -12.10
CA SER B 126 8.23 -28.05 -13.35
C SER B 126 7.10 -27.04 -13.19
N VAL B 127 7.45 -25.75 -13.26
CA VAL B 127 6.48 -24.66 -13.17
C VAL B 127 6.76 -23.69 -14.31
N THR B 128 5.70 -23.31 -15.03
CA THR B 128 5.82 -22.42 -16.18
C THR B 128 5.11 -21.12 -15.87
N LEU B 129 5.82 -20.00 -15.99
CA LEU B 129 5.22 -18.70 -15.81
C LEU B 129 4.35 -18.36 -17.01
N GLN B 130 3.21 -17.73 -16.75
CA GLN B 130 2.27 -17.46 -17.82
C GLN B 130 2.81 -16.37 -18.73
N PRO B 131 2.96 -16.63 -20.03
CA PRO B 131 3.45 -15.59 -20.94
C PRO B 131 2.33 -14.67 -21.41
N GLY B 132 2.69 -13.41 -21.62
CA GLY B 132 1.75 -12.43 -22.10
C GLY B 132 1.39 -12.64 -23.55
N PRO B 133 0.34 -11.95 -24.02
CA PRO B 133 -0.05 -12.10 -25.44
C PRO B 133 1.02 -11.65 -26.41
N GLU B 134 1.92 -10.76 -26.00
CA GLU B 134 2.99 -10.29 -26.86
C GLU B 134 4.19 -11.24 -26.91
N ASP B 135 4.22 -12.25 -26.05
CA ASP B 135 5.33 -13.19 -26.04
C ASP B 135 5.21 -14.18 -27.18
N THR B 136 6.36 -14.60 -27.72
CA THR B 136 6.42 -15.55 -28.81
C THR B 136 7.42 -16.67 -28.60
N GLY B 137 8.32 -16.57 -27.63
CA GLY B 137 9.36 -17.55 -27.45
C GLY B 137 8.88 -18.80 -26.75
N LYS B 138 9.84 -19.63 -26.36
CA LYS B 138 9.55 -20.88 -25.68
C LYS B 138 9.03 -20.62 -24.27
N ALA B 139 8.56 -21.69 -23.63
CA ALA B 139 8.00 -21.58 -22.30
C ALA B 139 9.07 -21.15 -21.30
N CYS B 140 8.69 -20.25 -20.39
CA CYS B 140 9.58 -19.74 -19.37
C CYS B 140 9.40 -20.52 -18.07
N GLY B 141 10.34 -20.32 -17.14
CA GLY B 141 10.28 -21.01 -15.87
C GLY B 141 11.23 -22.18 -15.79
N VAL B 142 10.90 -23.17 -14.95
CA VAL B 142 11.75 -24.32 -14.71
C VAL B 142 11.22 -25.49 -15.51
N ASP B 143 12.12 -26.18 -16.22
CA ASP B 143 11.74 -27.35 -16.99
C ASP B 143 12.89 -28.34 -17.01
N TYR B 144 12.56 -29.59 -17.28
CA TYR B 144 13.54 -30.67 -17.38
C TYR B 144 13.62 -31.15 -18.82
N GLU B 145 14.78 -31.68 -19.19
CA GLU B 145 14.99 -32.13 -20.56
C GLU B 145 15.98 -33.29 -20.56
N VAL B 146 15.65 -34.35 -21.31
CA VAL B 146 16.52 -35.49 -21.50
C VAL B 146 17.08 -35.42 -22.91
N LYS B 147 18.40 -35.52 -23.02
CA LYS B 147 19.09 -35.38 -24.30
C LYS B 147 20.03 -36.54 -24.51
N ALA B 148 20.04 -37.08 -25.73
CA ALA B 148 20.96 -38.14 -26.12
C ALA B 148 21.66 -37.72 -27.40
N PHE B 149 22.99 -37.76 -27.40
CA PHE B 149 23.76 -37.27 -28.53
C PHE B 149 24.99 -38.15 -28.72
N CYS B 150 25.76 -37.83 -29.76
CA CYS B 150 26.95 -38.59 -30.11
C CYS B 150 28.08 -37.63 -30.41
N ALA B 151 29.25 -37.87 -29.82
CA ALA B 151 30.39 -36.99 -29.98
C ALA B 151 31.63 -37.69 -29.43
N GLU B 152 32.78 -37.38 -30.03
CA GLU B 152 34.04 -37.97 -29.57
C GLU B 152 34.46 -37.47 -28.19
N ASN B 153 33.84 -36.40 -27.68
CA ASN B 153 34.16 -35.89 -26.35
C ASN B 153 32.96 -35.10 -25.84
N LEU B 154 32.95 -34.86 -24.52
CA LEU B 154 31.86 -34.11 -23.92
C LEU B 154 31.79 -32.70 -24.49
N GLU B 155 32.93 -32.03 -24.61
CA GLU B 155 32.98 -30.61 -24.96
C GLU B 155 32.93 -30.35 -26.45
N GLU B 156 32.95 -31.39 -27.28
CA GLU B 156 32.88 -31.19 -28.73
C GLU B 156 31.57 -30.53 -29.11
N LYS B 157 31.62 -29.65 -30.12
CA LYS B 157 30.45 -28.89 -30.52
C LYS B 157 29.31 -29.83 -30.91
N ILE B 158 28.13 -29.56 -30.37
CA ILE B 158 26.96 -30.40 -30.59
C ILE B 158 26.30 -29.95 -31.89
N HIS B 159 25.78 -30.92 -32.64
CA HIS B 159 25.06 -30.68 -33.88
C HIS B 159 23.59 -31.02 -33.68
N LYS B 160 22.71 -30.13 -34.14
CA LYS B 160 21.28 -30.32 -33.93
C LYS B 160 20.78 -31.62 -34.56
N ARG B 161 21.35 -32.01 -35.70
CA ARG B 161 20.88 -33.20 -36.41
C ARG B 161 21.35 -34.50 -35.80
N ASN B 162 22.30 -34.46 -34.87
CA ASN B 162 22.90 -35.67 -34.31
C ASN B 162 22.42 -35.95 -32.89
N SER B 163 21.30 -35.38 -32.47
CA SER B 163 20.85 -35.54 -31.09
C SER B 163 19.34 -35.50 -31.05
N VAL B 164 18.79 -35.92 -29.91
CA VAL B 164 17.37 -35.87 -29.63
C VAL B 164 17.18 -35.18 -28.29
N ARG B 165 15.96 -34.73 -28.03
CA ARG B 165 15.64 -34.13 -26.75
C ARG B 165 14.16 -34.30 -26.47
N LEU B 166 13.84 -34.68 -25.24
CA LEU B 166 12.48 -34.82 -24.75
C LEU B 166 12.30 -33.95 -23.51
N VAL B 167 11.13 -33.33 -23.40
CA VAL B 167 10.78 -32.58 -22.20
C VAL B 167 10.04 -33.51 -21.25
N ILE B 168 10.54 -33.60 -20.01
CA ILE B 168 9.92 -34.40 -18.97
C ILE B 168 9.57 -33.48 -17.82
N ARG B 169 8.74 -33.97 -16.91
CA ARG B 169 8.26 -33.18 -15.80
C ARG B 169 8.50 -33.90 -14.49
N LYS B 170 8.63 -33.13 -13.42
CA LYS B 170 8.76 -33.64 -12.06
C LYS B 170 7.61 -33.06 -11.25
N VAL B 171 6.61 -33.88 -10.95
CA VAL B 171 5.36 -33.40 -10.38
C VAL B 171 5.15 -34.04 -9.01
N GLN B 172 4.27 -33.41 -8.23
CA GLN B 172 3.91 -33.88 -6.90
C GLN B 172 2.39 -33.92 -6.79
N TYR B 173 1.90 -34.85 -5.97
CA TYR B 173 0.48 -35.03 -5.75
C TYR B 173 0.13 -34.81 -4.29
N ALA B 174 -1.17 -34.75 -4.01
CA ALA B 174 -1.63 -34.44 -2.68
C ALA B 174 -1.22 -35.53 -1.69
N PRO B 175 -0.84 -35.17 -0.47
CA PRO B 175 -0.51 -36.19 0.54
C PRO B 175 -1.73 -37.05 0.87
N GLU B 176 -1.44 -38.19 1.50
CA GLU B 176 -2.50 -39.16 1.78
C GLU B 176 -3.45 -38.67 2.86
N ARG B 177 -2.96 -37.88 3.82
CA ARG B 177 -3.78 -37.45 4.92
C ARG B 177 -3.71 -35.93 5.09
N PRO B 178 -4.84 -35.28 5.34
CA PRO B 178 -4.83 -33.83 5.55
C PRO B 178 -4.30 -33.45 6.91
N GLY B 179 -3.81 -32.21 6.99
CA GLY B 179 -3.30 -31.67 8.23
C GLY B 179 -4.40 -31.07 9.08
N PRO B 180 -4.03 -30.41 10.17
CA PRO B 180 -5.03 -29.76 11.02
C PRO B 180 -5.76 -28.65 10.28
N GLN B 181 -7.01 -28.45 10.66
CA GLN B 181 -7.83 -27.42 10.02
C GLN B 181 -7.21 -26.05 10.24
N PRO B 182 -7.01 -25.26 9.18
CA PRO B 182 -6.35 -23.95 9.35
C PRO B 182 -7.29 -22.95 9.99
N THR B 183 -6.85 -22.38 11.11
CA THR B 183 -7.60 -21.36 11.83
C THR B 183 -6.69 -20.19 12.15
N ALA B 184 -7.27 -18.99 12.16
CA ALA B 184 -6.51 -17.80 12.48
C ALA B 184 -7.46 -16.73 12.98
N GLU B 185 -6.94 -15.85 13.84
CA GLU B 185 -7.75 -14.81 14.44
C GLU B 185 -6.87 -13.63 14.79
N THR B 186 -7.51 -12.48 15.01
CA THR B 186 -6.81 -11.26 15.39
C THR B 186 -7.74 -10.42 16.23
N THR B 187 -7.14 -9.51 17.02
CA THR B 187 -7.87 -8.68 17.97
C THR B 187 -7.33 -7.26 17.88
N ARG B 188 -7.99 -6.42 17.10
CA ARG B 188 -7.60 -5.03 16.93
C ARG B 188 -8.20 -4.18 18.03
N GLN B 189 -7.37 -3.32 18.63
CA GLN B 189 -7.80 -2.41 19.69
C GLN B 189 -7.64 -0.98 19.19
N PHE B 190 -8.70 -0.19 19.32
CA PHE B 190 -8.73 1.17 18.79
C PHE B 190 -8.39 2.19 19.88
N LEU B 191 -8.08 3.40 19.42
CA LEU B 191 -7.64 4.46 20.32
C LEU B 191 -8.77 4.93 21.23
N MET B 192 -9.98 5.06 20.69
CA MET B 192 -11.06 5.73 21.43
C MET B 192 -11.44 4.97 22.69
N SER B 193 -11.56 3.64 22.62
CA SER B 193 -12.06 2.85 23.72
C SER B 193 -11.18 1.64 23.95
N ASP B 194 -11.29 1.07 25.14
CA ASP B 194 -10.54 -0.12 25.53
C ASP B 194 -11.25 -1.40 25.13
N LYS B 195 -12.24 -1.33 24.25
CA LYS B 195 -12.99 -2.48 23.79
C LYS B 195 -12.53 -2.86 22.39
N PRO B 196 -12.16 -4.12 22.17
CA PRO B 196 -11.51 -4.50 20.91
C PRO B 196 -12.49 -4.94 19.83
N LEU B 197 -11.98 -4.93 18.59
CA LEU B 197 -12.69 -5.45 17.43
C LEU B 197 -12.07 -6.81 17.10
N HIS B 198 -12.87 -7.87 17.24
CA HIS B 198 -12.36 -9.23 17.18
C HIS B 198 -12.81 -9.91 15.90
N LEU B 199 -11.90 -10.63 15.26
CA LEU B 199 -12.15 -11.29 14.00
C LEU B 199 -11.56 -12.69 14.00
N GLU B 200 -12.32 -13.66 13.52
CA GLU B 200 -11.87 -15.03 13.39
C GLU B 200 -12.21 -15.55 12.00
N ALA B 201 -11.43 -16.50 11.53
CA ALA B 201 -11.68 -17.12 10.24
C ALA B 201 -11.11 -18.54 10.26
N SER B 202 -11.63 -19.38 9.36
CA SER B 202 -11.17 -20.76 9.26
C SER B 202 -11.73 -21.37 7.98
N LEU B 203 -10.98 -22.32 7.43
CA LEU B 203 -11.39 -23.09 6.27
C LEU B 203 -11.87 -24.47 6.71
N ASP B 204 -12.63 -25.13 5.84
CA ASP B 204 -13.15 -26.45 6.16
C ASP B 204 -12.02 -27.46 6.33
N LYS B 205 -11.03 -27.42 5.45
CA LYS B 205 -9.97 -28.42 5.45
C LYS B 205 -8.70 -27.81 4.88
N GLU B 206 -7.57 -28.44 5.20
CA GLU B 206 -6.28 -27.91 4.78
C GLU B 206 -6.06 -28.08 3.29
N ILE B 207 -6.48 -29.22 2.74
CA ILE B 207 -6.13 -29.60 1.37
C ILE B 207 -7.33 -29.33 0.47
N TYR B 208 -7.05 -28.75 -0.70
CA TYR B 208 -8.05 -28.53 -1.73
C TYR B 208 -7.51 -28.99 -3.07
N TYR B 209 -8.40 -29.40 -3.96
CA TYR B 209 -8.03 -29.82 -5.30
C TYR B 209 -8.33 -28.71 -6.30
N HIS B 210 -7.82 -28.90 -7.52
CA HIS B 210 -7.97 -27.89 -8.56
C HIS B 210 -9.40 -27.91 -9.07
N GLY B 211 -10.09 -26.79 -8.93
CA GLY B 211 -11.49 -26.67 -9.28
C GLY B 211 -12.45 -26.86 -8.11
N GLU B 212 -11.98 -27.48 -7.04
CA GLU B 212 -12.82 -27.63 -5.85
C GLU B 212 -13.01 -26.27 -5.19
N PRO B 213 -14.23 -25.93 -4.78
CA PRO B 213 -14.48 -24.62 -4.18
C PRO B 213 -13.94 -24.52 -2.76
N ILE B 214 -13.48 -23.33 -2.41
CA ILE B 214 -12.94 -23.04 -1.09
C ILE B 214 -13.99 -22.27 -0.29
N SER B 215 -14.40 -22.84 0.84
CA SER B 215 -15.40 -22.22 1.70
C SER B 215 -14.69 -21.57 2.89
N VAL B 216 -14.95 -20.29 3.11
CA VAL B 216 -14.30 -19.52 4.16
C VAL B 216 -15.36 -19.12 5.18
N ASN B 217 -15.08 -19.37 6.46
CA ASN B 217 -15.97 -19.02 7.55
C ASN B 217 -15.44 -17.78 8.23
N VAL B 218 -16.30 -16.76 8.37
CA VAL B 218 -15.91 -15.47 8.94
C VAL B 218 -16.80 -15.19 10.13
N HIS B 219 -16.18 -14.82 11.26
CA HIS B 219 -16.89 -14.45 12.47
C HIS B 219 -16.33 -13.15 13.00
N VAL B 220 -17.21 -12.19 13.29
CA VAL B 220 -16.82 -10.86 13.75
C VAL B 220 -17.56 -10.55 15.04
N THR B 221 -16.84 -10.00 16.01
CA THR B 221 -17.42 -9.55 17.27
C THR B 221 -16.96 -8.12 17.50
N ASN B 222 -17.80 -7.16 17.12
CA ASN B 222 -17.45 -5.75 17.12
C ASN B 222 -18.01 -5.11 18.39
N ASN B 223 -17.14 -4.84 19.35
CA ASN B 223 -17.50 -4.13 20.57
C ASN B 223 -17.06 -2.67 20.55
N THR B 224 -16.41 -2.22 19.47
CA THR B 224 -15.89 -0.87 19.40
C THR B 224 -17.01 0.10 19.03
N ASN B 225 -16.66 1.35 18.80
CA ASN B 225 -17.60 2.38 18.39
C ASN B 225 -17.60 2.63 16.89
N LYS B 226 -16.87 1.83 16.13
CA LYS B 226 -16.74 2.00 14.69
C LYS B 226 -17.41 0.86 13.95
N THR B 227 -18.15 1.20 12.90
CA THR B 227 -18.82 0.21 12.08
C THR B 227 -17.86 -0.38 11.05
N VAL B 228 -18.13 -1.62 10.65
CA VAL B 228 -17.39 -2.29 9.59
C VAL B 228 -18.13 -2.02 8.28
N LYS B 229 -17.41 -1.47 7.30
CA LYS B 229 -18.07 -1.09 6.05
C LYS B 229 -18.19 -2.27 5.10
N LYS B 230 -17.09 -3.00 4.90
CA LYS B 230 -17.07 -4.09 3.92
C LYS B 230 -16.21 -5.22 4.44
N ILE B 231 -16.45 -6.42 3.90
CA ILE B 231 -15.64 -7.59 4.16
C ILE B 231 -15.11 -8.10 2.83
N LYS B 232 -13.80 -8.29 2.74
CA LYS B 232 -13.14 -8.66 1.50
C LYS B 232 -12.40 -9.97 1.68
N ILE B 233 -12.67 -10.92 0.81
CA ILE B 233 -12.02 -12.23 0.82
C ILE B 233 -11.30 -12.42 -0.51
N SER B 234 -10.07 -12.94 -0.46
CA SER B 234 -9.30 -13.14 -1.68
C SER B 234 -8.35 -14.32 -1.49
N VAL B 235 -8.07 -14.99 -2.59
CA VAL B 235 -7.09 -16.07 -2.63
C VAL B 235 -5.88 -15.58 -3.41
N ARG B 236 -4.70 -15.66 -2.80
CA ARG B 236 -3.49 -15.10 -3.37
C ARG B 236 -2.45 -16.18 -3.56
N GLN B 237 -1.74 -16.13 -4.68
CA GLN B 237 -0.70 -17.10 -5.01
C GLN B 237 0.66 -16.51 -4.70
N TYR B 238 1.39 -17.16 -3.79
CA TYR B 238 2.72 -16.74 -3.41
C TYR B 238 3.75 -17.58 -4.14
N ALA B 239 4.70 -16.93 -4.81
CA ALA B 239 5.74 -17.63 -5.54
C ALA B 239 7.10 -17.05 -5.16
N ASP B 240 8.02 -17.91 -4.77
CA ASP B 240 9.39 -17.51 -4.43
C ASP B 240 10.33 -18.01 -5.51
N ILE B 241 11.17 -17.12 -6.01
CA ILE B 241 12.15 -17.46 -7.05
C ILE B 241 13.54 -17.25 -6.49
N CYS B 242 14.40 -18.27 -6.60
CA CYS B 242 15.75 -18.19 -6.08
C CYS B 242 16.77 -18.39 -7.19
N LEU B 243 16.59 -17.70 -8.31
CA LEU B 243 17.46 -17.88 -9.46
C LEU B 243 18.87 -17.38 -9.15
N PHE B 244 19.00 -16.09 -8.83
CA PHE B 244 20.24 -15.53 -8.28
C PHE B 244 20.06 -15.10 -6.83
N ASN B 245 19.04 -14.30 -6.56
CA ASN B 245 18.69 -13.87 -5.21
C ASN B 245 17.19 -14.07 -5.01
N THR B 246 16.82 -14.29 -3.75
CA THR B 246 15.42 -14.59 -3.43
C THR B 246 14.52 -13.42 -3.78
N ALA B 247 13.58 -13.64 -4.68
CA ALA B 247 12.55 -12.69 -5.02
C ALA B 247 11.22 -13.14 -4.43
N GLN B 248 10.25 -12.22 -4.41
CA GLN B 248 8.96 -12.51 -3.79
C GLN B 248 7.90 -11.65 -4.44
N TYR B 249 6.83 -12.28 -4.94
CA TYR B 249 5.70 -11.58 -5.50
C TYR B 249 4.41 -12.28 -5.09
N LYS B 250 3.33 -11.50 -5.03
CA LYS B 250 2.02 -12.01 -4.67
C LYS B 250 1.02 -11.64 -5.76
N CYS B 251 0.21 -12.60 -6.17
CA CYS B 251 -0.77 -12.40 -7.22
C CYS B 251 -2.13 -12.95 -6.77
N PRO B 252 -3.19 -12.15 -6.78
CA PRO B 252 -4.51 -12.66 -6.43
C PRO B 252 -5.13 -13.42 -7.60
N VAL B 253 -5.68 -14.59 -7.31
CA VAL B 253 -6.26 -15.45 -8.34
C VAL B 253 -7.78 -15.54 -8.25
N ALA B 254 -8.38 -15.11 -7.14
CA ALA B 254 -9.82 -15.08 -6.98
C ALA B 254 -10.15 -14.21 -5.76
N MET B 255 -11.28 -13.52 -5.82
CA MET B 255 -11.65 -12.62 -4.75
C MET B 255 -13.15 -12.42 -4.74
N GLU B 256 -13.66 -11.95 -3.60
CA GLU B 256 -15.08 -11.68 -3.42
C GLU B 256 -15.24 -10.57 -2.41
N GLU B 257 -15.97 -9.52 -2.80
CA GLU B 257 -16.27 -8.40 -1.92
C GLU B 257 -17.75 -8.42 -1.55
N ALA B 258 -18.02 -8.42 -0.25
CA ALA B 258 -19.39 -8.45 0.26
C ALA B 258 -19.67 -7.15 1.00
N ASP B 259 -20.83 -6.54 0.70
CA ASP B 259 -21.23 -5.29 1.35
C ASP B 259 -21.96 -5.58 2.67
N ASP B 260 -21.26 -6.28 3.55
CA ASP B 260 -21.78 -6.60 4.87
C ASP B 260 -21.28 -5.58 5.88
N THR B 261 -22.14 -5.22 6.84
CA THR B 261 -21.82 -4.23 7.85
C THR B 261 -22.12 -4.78 9.24
N VAL B 262 -21.27 -4.42 10.19
CA VAL B 262 -21.43 -4.84 11.58
C VAL B 262 -21.59 -3.60 12.43
N ALA B 263 -22.66 -3.55 13.21
CA ALA B 263 -22.95 -2.44 14.10
C ALA B 263 -22.22 -2.60 15.42
N PRO B 264 -21.97 -1.51 16.14
CA PRO B 264 -21.28 -1.62 17.43
C PRO B 264 -22.05 -2.49 18.41
N SER B 265 -21.28 -3.21 19.24
CA SER B 265 -21.85 -4.11 20.25
C SER B 265 -22.73 -5.18 19.61
N SER B 266 -22.28 -5.72 18.48
CA SER B 266 -23.03 -6.74 17.77
C SER B 266 -22.08 -7.71 17.10
N THR B 267 -22.54 -8.94 16.92
CA THR B 267 -21.77 -9.99 16.27
C THR B 267 -22.24 -10.20 14.84
N PHE B 268 -21.48 -11.02 14.11
CA PHE B 268 -21.80 -11.31 12.71
C PHE B 268 -21.11 -12.61 12.33
N CYS B 269 -21.78 -13.39 11.48
CA CYS B 269 -21.22 -14.65 11.02
C CYS B 269 -21.75 -14.95 9.62
N LYS B 270 -20.87 -15.45 8.76
CA LYS B 270 -21.23 -15.79 7.40
C LYS B 270 -20.22 -16.80 6.86
N VAL B 271 -20.59 -17.43 5.75
CA VAL B 271 -19.72 -18.39 5.06
C VAL B 271 -19.62 -17.96 3.61
N TYR B 272 -18.40 -17.71 3.15
CA TYR B 272 -18.15 -17.33 1.77
C TYR B 272 -17.52 -18.49 1.00
N THR B 273 -17.71 -18.47 -0.31
CA THR B 273 -17.21 -19.53 -1.19
C THR B 273 -16.41 -18.91 -2.32
N LEU B 274 -15.26 -19.53 -2.64
CA LEU B 274 -14.40 -19.07 -3.71
C LEU B 274 -13.86 -20.29 -4.44
N THR B 275 -13.45 -20.06 -5.69
CA THR B 275 -12.90 -21.14 -6.53
C THR B 275 -11.89 -20.53 -7.48
N PRO B 276 -10.59 -20.67 -7.20
CA PRO B 276 -9.58 -20.19 -8.15
C PRO B 276 -9.63 -20.97 -9.45
N PHE B 277 -9.58 -20.26 -10.57
CA PHE B 277 -9.59 -20.90 -11.87
C PHE B 277 -8.94 -19.96 -12.88
N LEU B 278 -8.54 -20.53 -14.01
CA LEU B 278 -7.69 -19.82 -14.97
C LEU B 278 -8.47 -19.00 -15.98
N ALA B 279 -9.78 -19.21 -16.11
CA ALA B 279 -10.53 -18.55 -17.17
C ALA B 279 -10.53 -17.04 -16.98
N ASN B 280 -10.65 -16.56 -15.75
CA ASN B 280 -10.68 -15.14 -15.46
C ASN B 280 -9.32 -14.58 -15.07
N ASN B 281 -8.26 -15.39 -15.14
CA ASN B 281 -6.90 -14.94 -14.85
C ASN B 281 -6.01 -14.97 -16.09
N ARG B 282 -6.61 -14.89 -17.28
CA ARG B 282 -5.82 -14.98 -18.52
C ARG B 282 -4.90 -13.78 -18.69
N GLU B 283 -5.30 -12.62 -18.18
CA GLU B 283 -4.56 -11.39 -18.43
C GLU B 283 -3.38 -11.17 -17.48
N LYS B 284 -3.28 -11.95 -16.42
CA LYS B 284 -2.25 -11.73 -15.40
C LYS B 284 -0.93 -12.34 -15.86
N ARG B 285 -0.08 -11.51 -16.45
CA ARG B 285 1.24 -11.95 -16.86
C ARG B 285 2.08 -12.30 -15.63
N GLY B 286 2.89 -13.36 -15.77
CA GLY B 286 3.75 -13.78 -14.68
C GLY B 286 3.12 -14.77 -13.71
N LEU B 287 1.83 -15.07 -13.86
CA LEU B 287 1.19 -16.03 -13.00
C LEU B 287 1.80 -17.41 -13.20
N ALA B 288 2.03 -18.12 -12.10
CA ALA B 288 2.70 -19.41 -12.15
C ALA B 288 1.72 -20.51 -12.49
N LEU B 289 2.06 -21.32 -13.49
CA LEU B 289 1.23 -22.44 -13.93
C LEU B 289 2.07 -23.72 -13.90
N ASP B 290 1.37 -24.85 -13.93
CA ASP B 290 2.04 -26.13 -13.95
C ASP B 290 2.86 -26.29 -15.22
N GLY B 291 3.98 -26.99 -15.11
CA GLY B 291 4.92 -27.07 -16.22
C GLY B 291 4.27 -27.66 -17.46
N LYS B 292 4.58 -27.06 -18.61
CA LYS B 292 4.05 -27.47 -19.89
C LYS B 292 5.12 -28.16 -20.72
N LEU B 293 4.72 -29.20 -21.45
CA LEU B 293 5.62 -29.79 -22.43
C LEU B 293 5.71 -28.95 -23.69
N LYS B 294 4.61 -28.32 -24.08
CA LYS B 294 4.53 -27.48 -25.26
C LYS B 294 3.66 -26.27 -24.90
N HIS B 295 3.14 -25.58 -25.91
CA HIS B 295 2.32 -24.39 -25.68
C HIS B 295 0.88 -24.73 -25.37
N GLU B 296 0.63 -25.91 -24.79
CA GLU B 296 -0.70 -26.35 -24.37
C GLU B 296 -1.25 -25.50 -23.24
N ASP B 297 -2.45 -25.82 -22.78
CA ASP B 297 -3.07 -25.15 -21.64
C ASP B 297 -2.91 -26.01 -20.39
N THR B 298 -2.59 -25.34 -19.28
CA THR B 298 -2.44 -26.02 -17.99
C THR B 298 -3.05 -25.15 -16.90
N ASN B 299 -3.35 -25.79 -15.78
CA ASN B 299 -4.06 -25.14 -14.68
C ASN B 299 -3.11 -24.30 -13.85
N LEU B 300 -3.62 -23.72 -12.75
CA LEU B 300 -2.78 -22.97 -11.83
C LEU B 300 -1.75 -23.89 -11.18
N ALA B 301 -0.59 -23.32 -10.88
CA ALA B 301 0.50 -24.12 -10.32
C ALA B 301 0.10 -24.73 -8.99
N SER B 302 0.34 -26.02 -8.85
CA SER B 302 0.05 -26.71 -7.61
C SER B 302 1.11 -26.41 -6.56
N SER B 303 0.70 -26.44 -5.30
CA SER B 303 1.59 -26.10 -4.20
C SER B 303 2.78 -27.04 -4.15
N THR B 304 3.95 -26.50 -3.82
CA THR B 304 5.16 -27.30 -3.68
C THR B 304 5.31 -27.75 -2.23
N LEU B 305 5.50 -29.05 -2.03
CA LEU B 305 5.71 -29.62 -0.70
C LEU B 305 7.20 -29.57 -0.39
N LEU B 306 7.57 -28.77 0.60
CA LEU B 306 8.96 -28.70 1.02
C LEU B 306 9.33 -29.93 1.84
N ARG B 307 10.62 -30.27 1.81
CA ARG B 307 11.12 -31.48 2.48
C ARG B 307 11.26 -31.20 3.98
N GLU B 308 10.10 -31.02 4.62
CA GLU B 308 9.99 -30.76 6.06
C GLU B 308 10.84 -29.55 6.40
N GLY B 309 11.70 -29.62 7.42
CA GLY B 309 12.51 -28.48 7.82
C GLY B 309 13.87 -28.40 7.18
N ALA B 310 13.94 -28.51 5.86
CA ALA B 310 15.20 -28.35 5.14
C ALA B 310 15.28 -27.00 4.45
N ASN B 311 14.34 -26.71 3.54
CA ASN B 311 14.14 -25.39 2.94
C ASN B 311 15.44 -24.67 2.60
N ARG B 312 16.41 -25.39 2.05
CA ARG B 312 17.73 -24.81 1.77
C ARG B 312 17.69 -23.96 0.50
N GLU B 313 16.78 -22.98 0.51
CA GLU B 313 16.55 -22.09 -0.63
C GLU B 313 16.47 -22.88 -1.93
N ILE B 314 15.43 -23.73 -2.00
CA ILE B 314 15.22 -24.54 -3.19
C ILE B 314 15.24 -23.66 -4.43
N LEU B 315 15.99 -24.11 -5.43
CA LEU B 315 16.14 -23.34 -6.66
C LEU B 315 14.80 -23.24 -7.38
N GLY B 316 14.79 -22.52 -8.50
CA GLY B 316 13.57 -22.41 -9.27
C GLY B 316 12.49 -21.67 -8.52
N ILE B 317 11.26 -22.16 -8.65
CA ILE B 317 10.08 -21.48 -8.16
C ILE B 317 9.40 -22.33 -7.09
N ILE B 318 9.02 -21.69 -5.98
CA ILE B 318 8.28 -22.32 -4.90
C ILE B 318 6.93 -21.64 -4.81
N VAL B 319 5.85 -22.43 -4.93
CA VAL B 319 4.50 -21.91 -5.05
C VAL B 319 3.71 -22.26 -3.81
N SER B 320 2.98 -21.28 -3.27
CA SER B 320 2.13 -21.49 -2.11
C SER B 320 0.95 -20.55 -2.19
N TYR B 321 -0.12 -20.89 -1.47
CA TYR B 321 -1.37 -20.14 -1.53
C TYR B 321 -1.81 -19.75 -0.13
N LYS B 322 -2.56 -18.66 -0.05
CA LYS B 322 -3.16 -18.19 1.20
C LYS B 322 -4.50 -17.56 0.90
N VAL B 323 -5.34 -17.48 1.94
CA VAL B 323 -6.62 -16.79 1.89
C VAL B 323 -6.56 -15.62 2.87
N LYS B 324 -6.90 -14.43 2.40
CA LYS B 324 -6.85 -13.22 3.21
C LYS B 324 -8.25 -12.70 3.44
N VAL B 325 -8.60 -12.51 4.72
CA VAL B 325 -9.88 -11.95 5.12
C VAL B 325 -9.62 -10.55 5.66
N LYS B 326 -10.24 -9.54 5.03
CA LYS B 326 -9.99 -8.16 5.37
C LYS B 326 -11.31 -7.46 5.69
N LEU B 327 -11.29 -6.66 6.75
CA LEU B 327 -12.44 -5.88 7.19
C LEU B 327 -12.17 -4.40 6.97
N VAL B 328 -13.06 -3.72 6.26
CA VAL B 328 -12.94 -2.29 6.03
C VAL B 328 -13.70 -1.57 7.12
N VAL B 329 -12.99 -0.76 7.90
CA VAL B 329 -13.55 -0.07 9.05
C VAL B 329 -13.74 1.40 8.70
N SER B 330 -14.80 2.00 9.25
CA SER B 330 -15.12 3.39 8.96
C SER B 330 -14.04 4.32 9.48
N ARG B 331 -13.99 5.52 8.90
CA ARG B 331 -12.99 6.53 9.23
C ARG B 331 -13.68 7.79 9.74
N GLY B 332 -12.93 8.58 10.49
CA GLY B 332 -13.40 9.84 11.01
C GLY B 332 -12.84 10.10 12.38
N GLY B 333 -13.52 10.99 13.12
CA GLY B 333 -13.08 11.28 14.47
C GLY B 333 -11.87 12.19 14.50
N LEU B 334 -10.97 11.92 15.43
CA LEU B 334 -9.82 12.80 15.65
C LEU B 334 -8.87 12.76 14.47
N LEU B 335 -8.46 11.56 14.05
CA LEU B 335 -7.43 11.42 13.03
C LEU B 335 -7.99 11.35 11.63
N GLY B 336 -9.19 10.77 11.47
CA GLY B 336 -9.82 10.70 10.17
C GLY B 336 -9.10 9.79 9.20
N ASP B 337 -8.67 10.36 8.07
CA ASP B 337 -8.10 9.60 6.97
C ASP B 337 -6.61 9.34 7.12
N LEU B 338 -6.03 9.59 8.28
CA LEU B 338 -4.59 9.49 8.46
C LEU B 338 -4.16 8.13 9.01
N ALA B 339 -4.95 7.55 9.90
CA ALA B 339 -4.61 6.25 10.47
C ALA B 339 -5.03 5.11 9.55
N SER B 340 -4.61 3.91 9.91
CA SER B 340 -5.00 2.69 9.20
C SER B 340 -5.97 1.92 10.08
N SER B 341 -7.26 1.95 9.72
CA SER B 341 -8.30 1.37 10.54
C SER B 341 -8.68 -0.06 10.15
N ASP B 342 -8.11 -0.58 9.06
CA ASP B 342 -8.54 -1.88 8.56
C ASP B 342 -7.93 -3.01 9.38
N VAL B 343 -8.64 -4.15 9.37
CA VAL B 343 -8.23 -5.34 10.10
C VAL B 343 -8.16 -6.49 9.10
N ALA B 344 -7.18 -7.37 9.27
CA ALA B 344 -6.96 -8.44 8.31
C ALA B 344 -6.38 -9.67 9.00
N VAL B 345 -6.54 -10.81 8.34
CA VAL B 345 -5.99 -12.07 8.82
C VAL B 345 -5.86 -12.99 7.60
N GLU B 346 -4.87 -13.88 7.65
CA GLU B 346 -4.55 -14.74 6.52
C GLU B 346 -4.55 -16.21 6.93
N LEU B 347 -5.07 -17.06 6.05
CA LEU B 347 -5.16 -18.49 6.28
C LEU B 347 -4.41 -19.24 5.18
N PRO B 348 -3.40 -20.04 5.50
CA PRO B 348 -2.73 -20.82 4.47
C PRO B 348 -3.43 -22.14 4.19
N PHE B 349 -3.30 -22.60 2.94
CA PHE B 349 -3.90 -23.86 2.53
C PHE B 349 -3.07 -24.45 1.40
N THR B 350 -3.43 -25.68 1.01
CA THR B 350 -2.71 -26.43 0.00
C THR B 350 -3.64 -26.74 -1.17
N LEU B 351 -3.14 -26.52 -2.38
CA LEU B 351 -3.90 -26.74 -3.61
C LEU B 351 -3.11 -27.72 -4.48
N MET B 352 -3.64 -28.93 -4.65
CA MET B 352 -2.91 -29.97 -5.35
C MET B 352 -3.88 -30.95 -6.01
N HIS B 353 -3.35 -31.72 -6.95
CA HIS B 353 -4.08 -32.82 -7.56
C HIS B 353 -4.07 -34.04 -6.65
N PRO B 354 -5.11 -34.87 -6.72
CA PRO B 354 -5.02 -36.19 -6.09
C PRO B 354 -4.12 -37.11 -6.88
N LYS B 355 -3.70 -38.19 -6.24
CA LYS B 355 -2.87 -39.18 -6.93
C LYS B 355 -3.68 -39.84 -8.03
N PRO B 356 -3.23 -39.79 -9.29
CA PRO B 356 -3.96 -40.47 -10.36
C PRO B 356 -3.99 -41.97 -10.14
N LYS B 357 -5.06 -42.61 -10.61
CA LYS B 357 -5.25 -44.02 -10.34
C LYS B 357 -4.18 -44.86 -11.05
N GLU B 358 -4.13 -44.79 -12.37
CA GLU B 358 -3.16 -45.60 -13.11
C GLU B 358 -2.36 -44.79 -14.12
N GLU B 359 -2.97 -43.71 -14.66
CA GLU B 359 -2.44 -42.94 -15.78
C GLU B 359 -1.72 -41.70 -15.29
N PRO B 360 -0.89 -41.10 -16.17
CA PRO B 360 -0.26 -39.83 -15.87
C PRO B 360 -1.15 -38.82 -16.57
N PRO B 361 -0.89 -37.52 -16.43
CA PRO B 361 -1.66 -36.50 -17.13
C PRO B 361 -1.62 -36.70 -18.64
N HIS B 362 -2.65 -36.18 -19.30
CA HIS B 362 -2.77 -36.20 -20.75
C HIS B 362 -2.92 -34.78 -21.26
N ARG B 363 -2.39 -34.54 -22.46
CA ARG B 363 -2.16 -33.19 -22.95
C ARG B 363 -3.34 -32.76 -23.81
N GLU B 364 -4.25 -31.98 -23.21
CA GLU B 364 -5.43 -31.43 -23.89
C GLU B 364 -6.21 -32.54 -24.60
N VAL B 365 -6.79 -33.41 -23.77
CA VAL B 365 -7.30 -34.71 -24.20
C VAL B 365 -8.18 -34.57 -25.44
N PRO B 366 -9.31 -33.82 -25.43
CA PRO B 366 -9.93 -33.47 -26.72
C PRO B 366 -9.24 -32.26 -27.34
N GLU B 367 -8.47 -32.49 -28.38
CA GLU B 367 -7.74 -31.41 -29.03
C GLU B 367 -8.65 -30.62 -29.95
N SER B 368 -8.35 -29.34 -30.09
CA SER B 368 -9.14 -28.46 -30.94
C SER B 368 -8.91 -28.77 -32.42
N VAL C 5 22.86 39.14 3.61
CA VAL C 5 21.45 39.40 3.87
C VAL C 5 21.05 40.83 3.47
N GLN C 6 20.32 40.94 2.37
CA GLN C 6 19.93 42.24 1.83
C GLN C 6 18.56 42.12 1.18
N LEU C 7 17.90 43.27 1.05
CA LEU C 7 16.64 43.38 0.31
C LEU C 7 16.78 44.47 -0.73
N VAL C 8 16.51 44.13 -1.99
CA VAL C 8 16.63 45.06 -3.09
C VAL C 8 15.37 44.99 -3.94
N GLU C 9 14.87 46.14 -4.35
CA GLU C 9 13.63 46.22 -5.12
C GLU C 9 13.85 47.00 -6.41
N SER C 10 13.03 46.70 -7.41
CA SER C 10 13.13 47.32 -8.72
C SER C 10 11.76 47.34 -9.36
N GLY C 11 11.58 48.27 -10.31
CA GLY C 11 10.35 48.39 -11.08
C GLY C 11 9.70 49.75 -11.02
N GLY C 12 10.01 50.56 -9.99
CA GLY C 12 9.36 51.85 -9.86
C GLY C 12 9.81 52.84 -10.93
N GLY C 13 8.91 53.75 -11.25
CA GLY C 13 9.21 54.77 -12.25
C GLY C 13 7.99 55.64 -12.48
N LEU C 14 8.15 56.60 -13.40
CA LEU C 14 7.06 57.50 -13.74
C LEU C 14 5.95 56.74 -14.46
N VAL C 15 4.71 57.09 -14.17
CA VAL C 15 3.55 56.42 -14.72
C VAL C 15 2.39 57.40 -14.73
N GLN C 16 1.48 57.24 -15.70
CA GLN C 16 0.32 58.11 -15.80
C GLN C 16 -0.75 57.67 -14.80
N PRO C 17 -1.56 58.61 -14.30
CA PRO C 17 -2.62 58.24 -13.36
C PRO C 17 -3.61 57.27 -13.98
N GLY C 18 -4.05 56.31 -13.19
CA GLY C 18 -4.93 55.26 -13.67
C GLY C 18 -4.23 54.08 -14.31
N GLY C 19 -2.91 54.16 -14.50
CA GLY C 19 -2.16 53.08 -15.12
C GLY C 19 -1.87 51.94 -14.16
N SER C 20 -0.75 51.26 -14.39
CA SER C 20 -0.36 50.13 -13.56
C SER C 20 1.15 50.04 -13.50
N LEU C 21 1.64 49.38 -12.45
CA LEU C 21 3.07 49.22 -12.23
C LEU C 21 3.32 47.92 -11.48
N ARG C 22 4.54 47.41 -11.62
CA ARG C 22 4.97 46.21 -10.92
C ARG C 22 6.19 46.55 -10.08
N LEU C 23 6.12 46.25 -8.79
CA LEU C 23 7.28 46.36 -7.90
C LEU C 23 7.67 44.96 -7.44
N SER C 24 8.94 44.62 -7.65
CA SER C 24 9.49 43.34 -7.24
C SER C 24 10.62 43.57 -6.25
N CYS C 25 10.67 42.75 -5.21
CA CYS C 25 11.65 42.88 -4.15
C CYS C 25 12.36 41.54 -4.00
N ALA C 26 13.67 41.53 -4.25
CA ALA C 26 14.46 40.31 -4.25
C ALA C 26 15.12 40.14 -2.88
N ALA C 27 14.80 39.04 -2.21
CA ALA C 27 15.32 38.75 -0.88
C ALA C 27 16.49 37.79 -0.98
N SER C 28 17.57 38.12 -0.27
CA SER C 28 18.76 37.28 -0.20
C SER C 28 19.17 37.10 1.25
N GLY C 29 19.59 35.90 1.59
CA GLY C 29 20.00 35.58 2.95
C GLY C 29 18.91 34.98 3.82
N PHE C 30 17.66 35.07 3.40
CA PHE C 30 16.56 34.45 4.14
C PHE C 30 15.46 34.08 3.16
N ASN C 31 14.60 33.16 3.59
CA ASN C 31 13.56 32.60 2.73
C ASN C 31 12.19 33.13 3.15
N VAL C 32 11.29 33.16 2.16
CA VAL C 32 9.97 33.75 2.37
C VAL C 32 9.10 32.93 3.30
N TYR C 33 9.40 31.64 3.48
CA TYR C 33 8.60 30.84 4.39
C TYR C 33 8.91 31.16 5.85
N SER C 34 10.14 31.58 6.13
CA SER C 34 10.56 31.91 7.49
C SER C 34 10.44 33.40 7.81
N SER C 35 10.01 34.22 6.85
CA SER C 35 9.90 35.65 7.06
C SER C 35 8.60 36.15 6.46
N SER C 36 8.13 37.27 7.00
CA SER C 36 6.95 37.96 6.50
C SER C 36 7.39 39.27 5.86
N ILE C 37 7.02 39.46 4.60
CA ILE C 37 7.51 40.58 3.79
C ILE C 37 6.41 41.63 3.69
N HIS C 38 6.76 42.86 4.02
CA HIS C 38 5.83 43.98 4.03
C HIS C 38 6.30 45.06 3.08
N TRP C 39 5.35 45.86 2.60
CA TRP C 39 5.62 47.04 1.79
C TRP C 39 5.17 48.28 2.54
N VAL C 40 6.08 49.23 2.68
CA VAL C 40 5.83 50.47 3.40
C VAL C 40 6.21 51.63 2.49
N ARG C 41 5.33 52.62 2.36
CA ARG C 41 5.56 53.75 1.48
C ARG C 41 5.58 55.04 2.28
N GLN C 42 6.29 56.03 1.73
CA GLN C 42 6.50 57.30 2.41
C GLN C 42 6.28 58.42 1.40
N ALA C 43 5.18 59.15 1.54
CA ALA C 43 4.93 60.26 0.65
C ALA C 43 6.00 61.34 0.84
N PRO C 44 6.33 62.08 -0.23
CA PRO C 44 7.41 63.07 -0.13
C PRO C 44 7.23 64.06 1.02
N GLY C 45 8.12 64.00 1.99
CA GLY C 45 8.06 64.87 3.15
C GLY C 45 7.17 64.41 4.27
N LYS C 46 6.45 63.30 4.10
CA LYS C 46 5.51 62.82 5.10
C LYS C 46 6.07 61.60 5.82
N GLY C 47 5.31 61.11 6.80
CA GLY C 47 5.70 59.97 7.58
C GLY C 47 5.43 58.66 6.87
N LEU C 48 5.90 57.58 7.50
CA LEU C 48 5.77 56.25 6.91
C LEU C 48 4.31 55.80 6.92
N GLU C 49 3.98 54.91 5.99
CA GLU C 49 2.63 54.39 5.87
C GLU C 49 2.69 52.98 5.32
N TRP C 50 2.00 52.05 5.98
CA TRP C 50 1.98 50.66 5.59
C TRP C 50 0.90 50.44 4.53
N VAL C 51 1.23 49.65 3.51
CA VAL C 51 0.33 49.46 2.36
C VAL C 51 -0.08 48.01 2.17
N ALA C 52 0.84 47.06 2.34
CA ALA C 52 0.53 45.67 2.06
C ALA C 52 1.42 44.76 2.90
N SER C 53 1.04 43.48 2.94
CA SER C 53 1.80 42.48 3.68
C SER C 53 1.46 41.12 3.11
N ILE C 54 2.31 40.14 3.43
CA ILE C 54 2.09 38.76 3.00
C ILE C 54 2.87 37.85 3.92
N SER C 55 2.28 36.71 4.24
CA SER C 55 2.90 35.69 5.09
C SER C 55 2.77 34.35 4.38
N SER C 56 3.88 33.87 3.80
CA SER C 56 3.83 32.67 2.98
C SER C 56 3.65 31.39 3.78
N TYR C 57 4.07 31.38 5.04
CA TYR C 57 3.92 30.16 5.85
C TYR C 57 2.46 29.86 6.11
N TYR C 58 1.67 30.87 6.46
CA TYR C 58 0.25 30.68 6.74
C TYR C 58 -0.62 30.93 5.52
N GLY C 59 -0.11 31.65 4.52
CA GLY C 59 -0.88 31.95 3.33
C GLY C 59 -1.90 33.04 3.55
N TYR C 60 -1.47 34.17 4.08
CA TYR C 60 -2.34 35.30 4.37
C TYR C 60 -1.77 36.57 3.74
N THR C 61 -2.67 37.45 3.30
CA THR C 61 -2.29 38.73 2.74
C THR C 61 -3.18 39.82 3.33
N TYR C 62 -2.58 40.97 3.61
CA TYR C 62 -3.29 42.09 4.21
C TYR C 62 -2.96 43.36 3.44
N TYR C 63 -3.94 44.25 3.33
CA TYR C 63 -3.77 45.51 2.63
C TYR C 63 -4.30 46.65 3.49
N ALA C 64 -3.72 47.82 3.30
CA ALA C 64 -4.26 49.02 3.93
C ALA C 64 -5.62 49.35 3.33
N ASP C 65 -6.46 50.00 4.13
CA ASP C 65 -7.82 50.32 3.68
C ASP C 65 -7.81 51.25 2.48
N SER C 66 -6.79 52.09 2.35
CA SER C 66 -6.75 53.04 1.24
C SER C 66 -6.39 52.38 -0.08
N VAL C 67 -5.78 51.20 -0.07
CA VAL C 67 -5.33 50.55 -1.29
C VAL C 67 -6.02 49.22 -1.53
N LYS C 68 -7.04 48.89 -0.74
CA LYS C 68 -7.78 47.65 -0.96
C LYS C 68 -8.46 47.66 -2.32
N GLY C 69 -8.31 46.57 -3.06
CA GLY C 69 -8.86 46.47 -4.39
C GLY C 69 -7.94 46.97 -5.50
N ARG C 70 -7.13 47.99 -5.23
CA ARG C 70 -6.20 48.49 -6.23
C ARG C 70 -4.94 47.64 -6.28
N PHE C 71 -4.31 47.41 -5.13
CA PHE C 71 -3.06 46.69 -5.06
C PHE C 71 -3.29 45.21 -4.86
N THR C 72 -2.27 44.43 -5.21
CA THR C 72 -2.30 42.98 -5.00
C THR C 72 -0.86 42.51 -4.83
N ILE C 73 -0.63 41.67 -3.82
CA ILE C 73 0.70 41.26 -3.42
C ILE C 73 0.82 39.74 -3.52
N SER C 74 1.95 39.28 -4.03
CA SER C 74 2.23 37.86 -4.13
C SER C 74 3.74 37.65 -4.01
N ALA C 75 4.11 36.45 -3.59
CA ALA C 75 5.52 36.09 -3.44
C ALA C 75 5.76 34.74 -4.10
N ASP C 76 6.76 34.67 -4.96
CA ASP C 76 7.15 33.43 -5.62
C ASP C 76 8.37 32.88 -4.90
N THR C 77 8.21 31.70 -4.30
CA THR C 77 9.25 31.14 -3.43
C THR C 77 10.40 30.51 -4.20
N SER C 78 10.27 30.33 -5.51
CA SER C 78 11.34 29.69 -6.29
C SER C 78 12.61 30.53 -6.30
N LYS C 79 12.49 31.86 -6.26
CA LYS C 79 13.65 32.73 -6.27
C LYS C 79 13.62 33.76 -5.14
N ASN C 80 12.73 33.60 -4.17
CA ASN C 80 12.66 34.46 -2.99
C ASN C 80 12.40 35.92 -3.39
N THR C 81 11.33 36.12 -4.15
CA THR C 81 10.96 37.44 -4.63
C THR C 81 9.49 37.71 -4.29
N ALA C 82 9.21 38.93 -3.82
CA ALA C 82 7.86 39.37 -3.50
C ALA C 82 7.46 40.47 -4.46
N TYR C 83 6.25 40.38 -5.00
CA TYR C 83 5.76 41.31 -6.01
C TYR C 83 4.59 42.10 -5.45
N LEU C 84 4.54 43.40 -5.77
CA LEU C 84 3.41 44.25 -5.47
C LEU C 84 2.84 44.77 -6.78
N GLN C 85 1.62 44.37 -7.10
CA GLN C 85 0.96 44.75 -8.34
C GLN C 85 0.03 45.91 -8.06
N MET C 86 0.31 47.07 -8.65
CA MET C 86 -0.47 48.28 -8.44
C MET C 86 -1.31 48.56 -9.68
N ASN C 87 -2.62 48.70 -9.48
CA ASN C 87 -3.55 48.96 -10.57
C ASN C 87 -4.40 50.17 -10.23
N SER C 88 -4.75 50.95 -11.26
CA SER C 88 -5.58 52.15 -11.12
C SER C 88 -4.89 53.17 -10.23
N LEU C 89 -3.60 53.41 -10.46
CA LEU C 89 -2.81 54.31 -9.62
C LEU C 89 -3.42 55.70 -9.59
N ARG C 90 -3.92 56.11 -8.44
CA ARG C 90 -4.50 57.43 -8.27
C ARG C 90 -3.39 58.47 -8.15
N ALA C 91 -3.79 59.75 -8.17
CA ALA C 91 -2.83 60.84 -8.10
C ALA C 91 -2.11 60.87 -6.76
N GLU C 92 -2.71 60.33 -5.70
CA GLU C 92 -2.14 60.39 -4.36
C GLU C 92 -1.33 59.15 -4.00
N ASP C 93 -1.12 58.24 -4.95
CA ASP C 93 -0.34 57.04 -4.68
C ASP C 93 1.15 57.23 -4.90
N THR C 94 1.59 58.44 -5.24
CA THR C 94 3.01 58.71 -5.36
C THR C 94 3.68 58.71 -3.99
N ALA C 95 4.82 58.03 -3.89
CA ALA C 95 5.56 57.88 -2.64
C ALA C 95 6.87 57.18 -2.96
N VAL C 96 7.67 56.95 -1.92
CA VAL C 96 8.89 56.16 -2.00
C VAL C 96 8.62 54.85 -1.28
N TYR C 97 8.65 53.74 -2.01
CA TYR C 97 8.25 52.45 -1.49
C TYR C 97 9.47 51.68 -0.98
N TYR C 98 9.37 51.15 0.23
CA TYR C 98 10.41 50.33 0.83
C TYR C 98 9.91 48.90 0.99
N CYS C 99 10.74 47.94 0.60
CA CYS C 99 10.50 46.55 0.92
C CYS C 99 11.03 46.26 2.32
N ALA C 100 10.23 45.61 3.15
CA ALA C 100 10.58 45.34 4.53
C ALA C 100 10.35 43.88 4.86
N ARG C 101 11.05 43.39 5.88
CA ARG C 101 10.99 42.00 6.28
C ARG C 101 10.92 41.92 7.79
N SER C 102 10.03 41.06 8.28
CA SER C 102 9.89 40.81 9.71
C SER C 102 9.86 39.31 9.95
N ARG C 103 10.43 38.88 11.07
CA ARG C 103 10.52 37.45 11.36
C ARG C 103 9.13 36.83 11.45
N GLN C 104 8.99 35.64 10.85
CA GLN C 104 7.72 34.95 10.92
C GLN C 104 7.48 34.36 12.30
N PHE C 105 8.54 33.93 12.98
CA PHE C 105 8.45 33.34 14.32
C PHE C 105 9.46 34.05 15.21
N TRP C 106 9.08 35.18 15.80
CA TRP C 106 7.81 35.89 15.63
C TRP C 106 8.07 37.36 15.36
N TYR C 107 7.04 38.08 14.93
CA TYR C 107 7.16 39.48 14.55
C TYR C 107 7.82 40.29 15.65
N SER C 108 8.93 40.93 15.33
CA SER C 108 9.67 41.77 16.27
C SER C 108 10.14 43.05 15.61
N GLY C 109 9.27 43.67 14.82
CA GLY C 109 9.60 44.88 14.10
C GLY C 109 10.22 44.58 12.75
N LEU C 110 10.35 45.65 11.96
CA LEU C 110 10.89 45.54 10.60
C LEU C 110 12.40 45.77 10.67
N ASP C 111 13.15 44.67 10.86
CA ASP C 111 14.58 44.78 11.07
C ASP C 111 15.34 45.09 9.78
N TYR C 112 14.90 44.53 8.66
CA TYR C 112 15.56 44.74 7.38
C TYR C 112 14.64 45.50 6.44
N TRP C 113 15.19 46.51 5.78
CA TRP C 113 14.44 47.37 4.87
C TRP C 113 15.06 47.35 3.49
N GLY C 114 14.27 47.77 2.51
CA GLY C 114 14.79 47.96 1.16
C GLY C 114 15.63 49.21 1.08
N GLN C 115 15.69 49.82 -0.11
CA GLN C 115 16.43 51.06 -0.27
C GLN C 115 15.63 52.16 -0.96
N GLY C 116 14.38 51.90 -1.31
CA GLY C 116 13.53 52.94 -1.84
C GLY C 116 13.37 52.94 -3.34
N THR C 117 12.16 52.66 -3.81
CA THR C 117 11.81 52.80 -5.23
C THR C 117 10.71 53.84 -5.36
N LEU C 118 10.84 54.72 -6.32
CA LEU C 118 9.97 55.88 -6.44
C LEU C 118 8.87 55.62 -7.47
N VAL C 119 7.65 56.00 -7.12
CA VAL C 119 6.51 55.95 -8.03
C VAL C 119 5.98 57.37 -8.18
N THR C 120 5.96 57.86 -9.41
CA THR C 120 5.49 59.21 -9.71
C THR C 120 4.28 59.10 -10.62
N VAL C 121 3.17 59.69 -10.19
CA VAL C 121 1.91 59.63 -10.92
C VAL C 121 1.36 61.03 -11.18
N VAL D 5 -24.91 -37.53 -5.84
CA VAL D 5 -24.39 -37.17 -7.16
C VAL D 5 -25.35 -37.67 -8.26
N GLN D 6 -25.75 -36.74 -9.13
CA GLN D 6 -26.76 -37.01 -10.15
C GLN D 6 -26.92 -35.78 -11.03
N LEU D 7 -27.25 -36.02 -12.30
CA LEU D 7 -27.53 -34.95 -13.26
C LEU D 7 -28.96 -35.07 -13.74
N VAL D 8 -29.67 -33.95 -13.76
CA VAL D 8 -31.07 -33.91 -14.20
C VAL D 8 -31.25 -32.68 -15.08
N GLU D 9 -32.01 -32.84 -16.16
CA GLU D 9 -32.25 -31.76 -17.10
C GLU D 9 -33.75 -31.62 -17.38
N SER D 10 -34.15 -30.41 -17.76
CA SER D 10 -35.54 -30.10 -18.02
C SER D 10 -35.62 -29.01 -19.07
N GLY D 11 -36.77 -28.92 -19.73
CA GLY D 11 -37.01 -27.88 -20.72
C GLY D 11 -37.45 -28.39 -22.08
N GLY D 12 -37.17 -29.66 -22.37
CA GLY D 12 -37.52 -30.20 -23.67
C GLY D 12 -39.02 -30.33 -23.86
N GLY D 13 -39.44 -30.24 -25.11
CA GLY D 13 -40.86 -30.36 -25.43
C GLY D 13 -41.09 -30.12 -26.90
N LEU D 14 -42.37 -30.13 -27.27
CA LEU D 14 -42.77 -29.91 -28.66
C LEU D 14 -42.50 -28.47 -29.07
N VAL D 15 -42.13 -28.29 -30.33
CA VAL D 15 -41.84 -26.97 -30.87
C VAL D 15 -41.96 -27.05 -32.39
N GLN D 16 -42.22 -25.89 -33.02
CA GLN D 16 -42.31 -25.70 -34.46
C GLN D 16 -40.92 -25.43 -35.04
N PRO D 17 -40.68 -25.84 -36.29
CA PRO D 17 -39.36 -25.59 -36.89
C PRO D 17 -39.06 -24.10 -36.99
N GLY D 18 -37.80 -23.75 -36.72
CA GLY D 18 -37.38 -22.37 -36.69
C GLY D 18 -37.54 -21.68 -35.35
N GLY D 19 -38.22 -22.31 -34.39
CA GLY D 19 -38.42 -21.74 -33.08
C GLY D 19 -37.17 -21.81 -32.21
N SER D 20 -37.38 -21.83 -30.90
CA SER D 20 -36.27 -21.89 -29.96
C SER D 20 -36.70 -22.63 -28.71
N LEU D 21 -35.71 -23.23 -28.04
CA LEU D 21 -35.92 -23.96 -26.80
C LEU D 21 -34.75 -23.73 -25.87
N ARG D 22 -35.00 -23.93 -24.58
CA ARG D 22 -33.98 -23.83 -23.54
C ARG D 22 -33.90 -25.18 -22.82
N LEU D 23 -32.71 -25.76 -22.78
CA LEU D 23 -32.46 -26.95 -21.99
C LEU D 23 -31.51 -26.60 -20.85
N SER D 24 -31.95 -26.86 -19.63
CA SER D 24 -31.16 -26.59 -18.44
C SER D 24 -30.87 -27.91 -17.74
N CYS D 25 -29.62 -28.12 -17.37
CA CYS D 25 -29.17 -29.35 -16.72
C CYS D 25 -28.62 -28.99 -15.35
N ALA D 26 -29.24 -29.54 -14.31
CA ALA D 26 -28.89 -29.21 -12.93
C ALA D 26 -27.94 -30.27 -12.39
N ALA D 27 -26.75 -29.84 -11.98
CA ALA D 27 -25.72 -30.73 -11.47
C ALA D 27 -25.71 -30.70 -9.95
N SER D 28 -25.59 -31.88 -9.33
CA SER D 28 -25.50 -32.00 -7.89
C SER D 28 -24.42 -33.02 -7.56
N GLY D 29 -23.65 -32.74 -6.51
CA GLY D 29 -22.55 -33.58 -6.11
C GLY D 29 -21.20 -33.18 -6.66
N PHE D 30 -21.16 -32.34 -7.68
CA PHE D 30 -19.91 -31.82 -8.21
C PHE D 30 -20.14 -30.43 -8.76
N ASN D 31 -19.04 -29.67 -8.89
CA ASN D 31 -19.10 -28.29 -9.33
C ASN D 31 -18.58 -28.17 -10.76
N VAL D 32 -19.08 -27.14 -11.46
CA VAL D 32 -18.78 -26.98 -12.87
C VAL D 32 -17.33 -26.59 -13.13
N TYR D 33 -16.62 -26.08 -12.12
CA TYR D 33 -15.21 -25.77 -12.32
C TYR D 33 -14.36 -27.03 -12.38
N SER D 34 -14.72 -28.07 -11.62
CA SER D 34 -13.96 -29.31 -11.58
C SER D 34 -14.44 -30.34 -12.59
N SER D 35 -15.49 -30.04 -13.35
CA SER D 35 -16.03 -30.96 -14.33
C SER D 35 -16.32 -30.23 -15.63
N SER D 36 -16.32 -30.98 -16.72
CA SER D 36 -16.67 -30.48 -18.04
C SER D 36 -18.00 -31.09 -18.45
N ILE D 37 -18.96 -30.25 -18.81
CA ILE D 37 -20.33 -30.68 -19.06
C ILE D 37 -20.58 -30.69 -20.56
N HIS D 38 -21.07 -31.82 -21.06
CA HIS D 38 -21.32 -32.02 -22.48
C HIS D 38 -22.79 -32.34 -22.71
N TRP D 39 -23.25 -32.05 -23.92
CA TRP D 39 -24.58 -32.42 -24.37
C TRP D 39 -24.47 -33.40 -25.53
N VAL D 40 -25.15 -34.53 -25.40
CA VAL D 40 -25.13 -35.59 -26.40
C VAL D 40 -26.57 -35.93 -26.73
N ARG D 41 -26.89 -35.98 -28.03
CA ARG D 41 -28.24 -36.24 -28.48
C ARG D 41 -28.28 -37.52 -29.29
N GLN D 42 -29.45 -38.17 -29.28
CA GLN D 42 -29.66 -39.45 -29.94
C GLN D 42 -30.95 -39.38 -30.73
N ALA D 43 -30.84 -39.35 -32.06
CA ALA D 43 -32.02 -39.34 -32.90
C ALA D 43 -32.79 -40.65 -32.70
N PRO D 44 -34.13 -40.61 -32.85
CA PRO D 44 -34.92 -41.82 -32.61
C PRO D 44 -34.47 -43.02 -33.43
N GLY D 45 -33.97 -44.05 -32.75
CA GLY D 45 -33.49 -45.25 -33.41
C GLY D 45 -32.06 -45.19 -33.90
N LYS D 46 -31.39 -44.05 -33.78
CA LYS D 46 -30.04 -43.88 -34.30
C LYS D 46 -29.02 -43.90 -33.16
N GLY D 47 -27.76 -43.79 -33.52
CA GLY D 47 -26.68 -43.79 -32.56
C GLY D 47 -26.47 -42.43 -31.92
N LEU D 48 -25.59 -42.41 -30.93
CA LEU D 48 -25.32 -41.19 -30.18
C LEU D 48 -24.59 -40.17 -31.06
N GLU D 49 -24.76 -38.90 -30.71
CA GLU D 49 -24.13 -37.81 -31.45
C GLU D 49 -23.87 -36.66 -30.50
N TRP D 50 -22.66 -36.12 -30.56
CA TRP D 50 -22.24 -35.03 -29.67
C TRP D 50 -22.57 -33.70 -30.34
N VAL D 51 -23.09 -32.76 -29.54
CA VAL D 51 -23.60 -31.49 -30.07
C VAL D 51 -22.86 -30.29 -29.49
N ALA D 52 -22.56 -30.30 -28.19
CA ALA D 52 -21.97 -29.13 -27.57
C ALA D 52 -21.14 -29.55 -26.37
N SER D 53 -20.31 -28.61 -25.89
CA SER D 53 -19.47 -28.84 -24.73
C SER D 53 -19.11 -27.50 -24.12
N ILE D 54 -18.64 -27.54 -22.88
CA ILE D 54 -18.21 -26.33 -22.18
C ILE D 54 -17.28 -26.74 -21.05
N SER D 55 -16.24 -25.94 -20.84
CA SER D 55 -15.27 -26.15 -19.76
C SER D 55 -15.12 -24.84 -19.01
N SER D 56 -15.66 -24.78 -17.80
CA SER D 56 -15.69 -23.52 -17.06
C SER D 56 -14.36 -23.16 -16.43
N TYR D 57 -13.45 -24.13 -16.26
CA TYR D 57 -12.15 -23.81 -15.68
C TYR D 57 -11.29 -23.03 -16.66
N TYR D 58 -11.25 -23.45 -17.92
CA TYR D 58 -10.46 -22.78 -18.94
C TYR D 58 -11.25 -21.75 -19.72
N GLY D 59 -12.57 -21.82 -19.70
CA GLY D 59 -13.40 -20.87 -20.44
C GLY D 59 -13.44 -21.16 -21.93
N TYR D 60 -13.79 -22.39 -22.28
CA TYR D 60 -13.86 -22.81 -23.68
C TYR D 60 -15.20 -23.47 -23.94
N THR D 61 -15.71 -23.28 -25.16
CA THR D 61 -16.95 -23.91 -25.61
C THR D 61 -16.74 -24.46 -27.00
N TYR D 62 -17.28 -25.66 -27.25
CA TYR D 62 -17.14 -26.33 -28.53
C TYR D 62 -18.51 -26.80 -29.00
N TYR D 63 -18.73 -26.74 -30.30
CA TYR D 63 -19.99 -27.15 -30.91
C TYR D 63 -19.71 -28.08 -32.09
N ALA D 64 -20.64 -28.99 -32.33
CA ALA D 64 -20.58 -29.82 -33.52
C ALA D 64 -20.80 -28.95 -34.76
N ASP D 65 -20.23 -29.38 -35.88
CA ASP D 65 -20.33 -28.59 -37.11
C ASP D 65 -21.77 -28.44 -37.58
N SER D 66 -22.62 -29.43 -37.30
CA SER D 66 -24.00 -29.37 -37.76
C SER D 66 -24.84 -28.36 -36.99
N VAL D 67 -24.39 -27.94 -35.80
CA VAL D 67 -25.18 -27.04 -34.97
C VAL D 67 -24.45 -25.72 -34.71
N LYS D 68 -23.32 -25.48 -35.37
CA LYS D 68 -22.62 -24.23 -35.18
C LYS D 68 -23.48 -23.06 -35.65
N GLY D 69 -23.56 -22.02 -34.82
CA GLY D 69 -24.37 -20.86 -35.10
C GLY D 69 -25.79 -20.95 -34.61
N ARG D 70 -26.37 -22.16 -34.60
CA ARG D 70 -27.73 -22.32 -34.10
C ARG D 70 -27.74 -22.43 -32.57
N PHE D 71 -26.93 -23.32 -32.02
CA PHE D 71 -26.92 -23.57 -30.59
C PHE D 71 -25.91 -22.68 -29.89
N THR D 72 -26.11 -22.50 -28.59
CA THR D 72 -25.20 -21.75 -27.74
C THR D 72 -25.29 -22.30 -26.33
N ILE D 73 -24.15 -22.53 -25.70
CA ILE D 73 -24.07 -23.21 -24.41
C ILE D 73 -23.44 -22.28 -23.39
N SER D 74 -23.99 -22.29 -22.18
CA SER D 74 -23.45 -21.51 -21.08
C SER D 74 -23.75 -22.24 -19.78
N ALA D 75 -22.94 -21.94 -18.77
CA ALA D 75 -23.11 -22.53 -17.45
C ALA D 75 -23.04 -21.43 -16.40
N ASP D 76 -24.02 -21.40 -15.51
CA ASP D 76 -24.08 -20.43 -14.44
C ASP D 76 -23.55 -21.10 -13.17
N THR D 77 -22.48 -20.55 -12.60
CA THR D 77 -21.80 -21.19 -11.50
C THR D 77 -22.60 -21.13 -10.20
N SER D 78 -23.47 -20.13 -10.03
CA SER D 78 -24.09 -19.88 -8.74
C SER D 78 -24.94 -21.06 -8.27
N LYS D 79 -25.49 -21.84 -9.19
CA LYS D 79 -26.32 -22.99 -8.83
C LYS D 79 -25.92 -24.26 -9.57
N ASN D 80 -24.76 -24.29 -10.22
CA ASN D 80 -24.24 -25.48 -10.88
C ASN D 80 -25.21 -25.98 -11.96
N THR D 81 -25.59 -25.09 -12.87
CA THR D 81 -26.53 -25.40 -13.92
C THR D 81 -25.93 -25.03 -15.27
N ALA D 82 -26.09 -25.92 -16.25
CA ALA D 82 -25.61 -25.70 -17.61
C ALA D 82 -26.79 -25.57 -18.55
N TYR D 83 -26.76 -24.55 -19.41
CA TYR D 83 -27.85 -24.23 -20.31
C TYR D 83 -27.43 -24.45 -21.75
N LEU D 84 -28.35 -25.01 -22.55
CA LEU D 84 -28.17 -25.14 -23.99
C LEU D 84 -29.27 -24.36 -24.69
N GLN D 85 -28.88 -23.26 -25.36
CA GLN D 85 -29.82 -22.40 -26.05
C GLN D 85 -29.88 -22.82 -27.50
N MET D 86 -31.05 -23.30 -27.93
CA MET D 86 -31.25 -23.78 -29.29
C MET D 86 -32.09 -22.77 -30.06
N ASN D 87 -31.57 -22.31 -31.20
CA ASN D 87 -32.25 -21.34 -32.04
C ASN D 87 -32.31 -21.85 -33.47
N SER D 88 -33.41 -21.49 -34.15
CA SER D 88 -33.64 -21.89 -35.54
C SER D 88 -33.69 -23.41 -35.69
N LEU D 89 -34.41 -24.07 -34.78
CA LEU D 89 -34.47 -25.53 -34.77
C LEU D 89 -34.98 -26.05 -36.11
N ARG D 90 -34.11 -26.73 -36.83
CA ARG D 90 -34.48 -27.33 -38.10
C ARG D 90 -35.24 -28.64 -37.88
N ALA D 91 -35.79 -29.18 -38.96
CA ALA D 91 -36.62 -30.37 -38.86
C ALA D 91 -35.83 -31.59 -38.38
N GLU D 92 -34.52 -31.61 -38.62
CA GLU D 92 -33.69 -32.76 -38.27
C GLU D 92 -33.04 -32.64 -36.90
N ASP D 93 -33.38 -31.62 -36.12
CA ASP D 93 -32.83 -31.43 -34.79
C ASP D 93 -33.60 -32.19 -33.71
N THR D 94 -34.63 -32.94 -34.09
CA THR D 94 -35.34 -33.77 -33.13
C THR D 94 -34.47 -34.94 -32.67
N ALA D 95 -34.44 -35.17 -31.37
CA ALA D 95 -33.62 -36.22 -30.77
C ALA D 95 -33.97 -36.27 -29.29
N VAL D 96 -33.29 -37.17 -28.57
CA VAL D 96 -33.36 -37.26 -27.13
C VAL D 96 -32.03 -36.77 -26.58
N TYR D 97 -32.07 -35.67 -25.83
CA TYR D 97 -30.85 -35.01 -25.39
C TYR D 97 -30.47 -35.49 -23.99
N TYR D 98 -29.20 -35.86 -23.82
CA TYR D 98 -28.65 -36.26 -22.53
C TYR D 98 -27.63 -35.24 -22.07
N CYS D 99 -27.72 -34.83 -20.81
CA CYS D 99 -26.67 -34.06 -20.17
C CYS D 99 -25.60 -35.02 -19.66
N ALA D 100 -24.34 -34.71 -19.94
CA ALA D 100 -23.24 -35.58 -19.57
C ALA D 100 -22.16 -34.77 -18.87
N ARG D 101 -21.33 -35.47 -18.11
CA ARG D 101 -20.27 -34.84 -17.33
C ARG D 101 -19.01 -35.67 -17.45
N SER D 102 -17.87 -34.99 -17.62
CA SER D 102 -16.57 -35.64 -17.67
C SER D 102 -15.61 -34.87 -16.78
N ARG D 103 -14.69 -35.59 -16.15
CA ARG D 103 -13.76 -34.94 -15.22
C ARG D 103 -12.92 -33.91 -15.94
N GLN D 104 -12.72 -32.75 -15.30
CA GLN D 104 -11.88 -31.73 -15.88
C GLN D 104 -10.41 -32.10 -15.80
N PHE D 105 -10.01 -32.79 -14.73
CA PHE D 105 -8.61 -33.20 -14.52
C PHE D 105 -8.61 -34.69 -14.18
N TRP D 106 -8.60 -35.54 -15.21
CA TRP D 106 -8.66 -35.22 -16.63
C TRP D 106 -9.74 -36.06 -17.29
N TYR D 107 -10.05 -35.75 -18.55
CA TYR D 107 -11.13 -36.42 -19.28
C TYR D 107 -10.90 -37.93 -19.30
N SER D 108 -11.89 -38.66 -18.82
CA SER D 108 -11.83 -40.12 -18.78
C SER D 108 -13.17 -40.72 -19.17
N GLY D 109 -13.81 -40.17 -20.20
CA GLY D 109 -15.11 -40.63 -20.63
C GLY D 109 -16.25 -39.96 -19.88
N LEU D 110 -17.47 -40.19 -20.36
CA LEU D 110 -18.66 -39.59 -19.79
C LEU D 110 -19.23 -40.55 -18.76
N ASP D 111 -18.79 -40.39 -17.52
CA ASP D 111 -19.17 -41.33 -16.46
C ASP D 111 -20.58 -41.11 -15.96
N TYR D 112 -21.06 -39.86 -15.93
CA TYR D 112 -22.40 -39.54 -15.46
C TYR D 112 -23.22 -38.94 -16.59
N TRP D 113 -24.45 -39.42 -16.73
CA TRP D 113 -25.34 -38.98 -17.79
C TRP D 113 -26.63 -38.46 -17.18
N GLY D 114 -27.39 -37.73 -18.00
CA GLY D 114 -28.70 -37.26 -17.60
C GLY D 114 -29.74 -38.35 -17.75
N GLN D 115 -30.99 -37.94 -17.65
CA GLN D 115 -32.11 -38.86 -17.78
C GLN D 115 -32.72 -38.87 -19.17
N GLY D 116 -32.46 -37.85 -19.98
CA GLY D 116 -32.98 -37.80 -21.34
C GLY D 116 -34.19 -36.91 -21.47
N THR D 117 -34.05 -35.81 -22.22
CA THR D 117 -35.16 -34.93 -22.54
C THR D 117 -35.41 -34.95 -24.04
N LEU D 118 -36.66 -34.86 -24.42
CA LEU D 118 -37.06 -35.00 -25.82
C LEU D 118 -37.35 -33.65 -26.44
N VAL D 119 -36.83 -33.44 -27.64
CA VAL D 119 -37.14 -32.25 -28.43
C VAL D 119 -37.77 -32.72 -29.73
N THR D 120 -39.01 -32.34 -29.95
CA THR D 120 -39.75 -32.73 -31.14
C THR D 120 -40.04 -31.48 -31.96
N VAL D 121 -39.62 -31.49 -33.21
CA VAL D 121 -39.81 -30.37 -34.12
C VAL D 121 -40.61 -30.87 -35.32
N SER E 1 -8.88 47.35 14.74
CA SER E 1 -9.34 48.74 14.73
C SER E 1 -8.17 49.70 14.53
N ASP E 2 -8.45 50.84 13.90
CA ASP E 2 -7.41 51.85 13.70
C ASP E 2 -6.99 52.45 15.03
N ILE E 3 -5.68 52.60 15.21
CA ILE E 3 -5.12 53.17 16.44
C ILE E 3 -4.20 54.31 16.04
N GLN E 4 -4.46 55.50 16.58
CA GLN E 4 -3.66 56.69 16.28
C GLN E 4 -2.53 56.78 17.28
N MET E 5 -1.29 56.70 16.81
CA MET E 5 -0.13 56.74 17.68
C MET E 5 0.42 58.17 17.68
N THR E 6 -0.25 59.03 18.46
CA THR E 6 0.15 60.43 18.55
C THR E 6 1.55 60.54 19.13
N GLN E 7 2.46 61.10 18.35
CA GLN E 7 3.86 61.20 18.71
C GLN E 7 4.27 62.66 18.81
N SER E 8 4.83 63.03 19.96
CA SER E 8 5.22 64.39 20.27
C SER E 8 6.57 64.39 20.97
N PRO E 9 7.34 65.47 20.84
CA PRO E 9 7.09 66.69 20.06
C PRO E 9 7.31 66.48 18.57
N SER E 10 6.71 67.34 17.73
CA SER E 10 6.87 67.19 16.29
C SER E 10 8.33 67.39 15.86
N SER E 11 9.08 68.19 16.61
CA SER E 11 10.50 68.41 16.36
C SER E 11 11.10 69.13 17.55
N LEU E 12 12.33 68.76 17.91
CA LEU E 12 13.02 69.39 19.01
C LEU E 12 14.47 69.62 18.62
N SER E 13 15.11 70.57 19.32
CA SER E 13 16.52 70.88 19.12
C SER E 13 17.28 70.63 20.42
N ALA E 14 18.45 70.01 20.29
CA ALA E 14 19.24 69.66 21.47
C ALA E 14 20.71 69.76 21.13
N SER E 15 21.53 69.86 22.17
CA SER E 15 22.98 69.97 22.03
C SER E 15 23.64 68.60 22.21
N VAL E 16 24.91 68.53 21.80
CA VAL E 16 25.64 67.27 21.89
C VAL E 16 25.83 66.89 23.35
N GLY E 17 25.60 65.62 23.66
CA GLY E 17 25.70 65.13 25.02
C GLY E 17 24.47 65.36 25.87
N ASP E 18 23.42 65.96 25.32
CA ASP E 18 22.21 66.21 26.08
C ASP E 18 21.34 64.95 26.13
N ARG E 19 20.42 64.95 27.09
CA ARG E 19 19.48 63.85 27.27
C ARG E 19 18.14 64.23 26.64
N VAL E 20 17.68 63.42 25.69
CA VAL E 20 16.47 63.70 24.92
C VAL E 20 15.45 62.62 25.21
N THR E 21 14.21 63.04 25.47
CA THR E 21 13.09 62.13 25.68
C THR E 21 12.03 62.40 24.63
N ILE E 22 11.54 61.33 23.99
CA ILE E 22 10.52 61.40 22.96
C ILE E 22 9.32 60.57 23.41
N THR E 23 8.13 61.13 23.26
CA THR E 23 6.91 60.52 23.77
C THR E 23 6.01 60.10 22.62
N CYS E 24 5.36 58.95 22.78
CA CYS E 24 4.46 58.42 21.77
C CYS E 24 3.27 57.81 22.49
N ARG E 25 2.06 58.25 22.13
CA ARG E 25 0.85 57.89 22.85
C ARG E 25 -0.13 57.21 21.92
N ALA E 26 -0.76 56.15 22.41
CA ALA E 26 -1.71 55.37 21.64
C ALA E 26 -3.14 55.70 22.03
N SER E 27 -4.05 55.63 21.06
CA SER E 27 -5.45 55.86 21.31
C SER E 27 -6.13 54.70 22.01
N GLN E 28 -5.55 53.50 21.93
CA GLN E 28 -6.06 52.33 22.63
C GLN E 28 -4.88 51.52 23.14
N SER E 29 -5.15 50.63 24.10
CA SER E 29 -4.11 49.78 24.64
C SER E 29 -3.56 48.85 23.56
N VAL E 30 -2.24 48.76 23.49
CA VAL E 30 -1.57 47.93 22.48
C VAL E 30 -0.60 46.99 23.17
N SER E 31 -0.75 46.81 24.48
CA SER E 31 0.19 46.02 25.27
C SER E 31 1.58 46.65 25.12
N SER E 32 2.64 45.85 25.25
CA SER E 32 3.99 46.32 25.06
C SER E 32 4.48 46.16 23.63
N ALA E 33 3.56 46.03 22.66
CA ALA E 33 3.94 45.81 21.27
C ALA E 33 4.12 47.15 20.58
N VAL E 34 5.29 47.74 20.78
CA VAL E 34 5.67 49.01 20.15
C VAL E 34 7.12 48.92 19.71
N ALA E 35 7.41 49.46 18.54
CA ALA E 35 8.76 49.47 17.99
C ALA E 35 9.17 50.89 17.64
N TRP E 36 10.47 51.13 17.62
CA TRP E 36 11.03 52.45 17.32
C TRP E 36 12.00 52.35 16.16
N TYR E 37 11.96 53.34 15.28
CA TYR E 37 12.80 53.37 14.09
C TYR E 37 13.50 54.71 13.99
N GLN E 38 14.66 54.71 13.33
CA GLN E 38 15.46 55.90 13.11
C GLN E 38 15.72 56.03 11.62
N GLN E 39 15.38 57.19 11.05
CA GLN E 39 15.58 57.42 9.63
C GLN E 39 16.38 58.70 9.42
N LYS E 40 17.47 58.58 8.72
CA LYS E 40 18.19 59.76 8.25
C LYS E 40 17.67 60.15 6.87
N PRO E 41 17.74 61.43 6.51
CA PRO E 41 17.07 61.89 5.28
C PRO E 41 17.61 61.20 4.05
N GLY E 42 16.72 60.51 3.33
CA GLY E 42 17.05 59.83 2.11
C GLY E 42 17.33 58.34 2.25
N LYS E 43 17.56 57.86 3.47
CA LYS E 43 17.91 56.47 3.71
C LYS E 43 16.75 55.72 4.34
N ALA E 44 16.83 54.39 4.27
CA ALA E 44 15.80 53.55 4.85
C ALA E 44 15.83 53.64 6.37
N PRO E 45 14.68 53.51 7.03
CA PRO E 45 14.67 53.55 8.49
C PRO E 45 15.40 52.36 9.09
N LYS E 46 16.04 52.59 10.23
CA LYS E 46 16.82 51.59 10.95
C LYS E 46 16.13 51.27 12.26
N LEU E 47 15.88 49.99 12.51
CA LEU E 47 15.17 49.58 13.71
C LEU E 47 16.03 49.82 14.96
N LEU E 48 15.40 50.32 16.01
CA LEU E 48 16.06 50.56 17.29
C LEU E 48 15.52 49.71 18.42
N ILE E 49 14.21 49.76 18.67
CA ILE E 49 13.61 49.11 19.82
C ILE E 49 12.46 48.24 19.34
N TYR E 50 12.26 47.10 20.00
CA TYR E 50 11.06 46.30 19.81
C TYR E 50 10.58 45.83 21.16
N SER E 51 9.29 45.51 21.24
CA SER E 51 8.60 45.21 22.49
C SER E 51 8.64 46.38 23.46
N ALA E 52 8.94 47.57 22.96
CA ALA E 52 8.84 48.85 23.66
C ALA E 52 9.93 49.02 24.72
N SER E 53 10.70 47.97 25.02
CA SER E 53 11.81 48.11 25.95
C SER E 53 13.04 47.30 25.59
N SER E 54 13.01 46.49 24.54
CA SER E 54 14.11 45.60 24.20
C SER E 54 14.96 46.24 23.11
N LEU E 55 16.25 46.40 23.39
CA LEU E 55 17.17 47.04 22.46
C LEU E 55 17.51 46.07 21.33
N TYR E 56 17.42 46.55 20.09
CA TYR E 56 17.77 45.72 18.95
C TYR E 56 19.27 45.46 18.92
N SER E 57 19.65 44.30 18.39
CA SER E 57 21.05 43.90 18.38
C SER E 57 21.89 44.86 17.55
N GLY E 58 23.02 45.30 18.13
CA GLY E 58 23.95 46.17 17.45
C GLY E 58 23.72 47.65 17.67
N VAL E 59 22.58 48.04 18.23
CA VAL E 59 22.28 49.44 18.51
C VAL E 59 23.06 49.87 19.75
N PRO E 60 23.66 51.05 19.78
CA PRO E 60 24.41 51.46 20.98
C PRO E 60 23.52 51.53 22.20
N SER E 61 24.12 51.25 23.36
CA SER E 61 23.37 51.10 24.61
C SER E 61 22.74 52.40 25.09
N ARG E 62 23.13 53.55 24.52
CA ARG E 62 22.54 54.82 24.96
C ARG E 62 21.06 54.92 24.62
N PHE E 63 20.58 54.13 23.66
CA PHE E 63 19.17 54.15 23.29
C PHE E 63 18.39 53.24 24.23
N SER E 64 17.35 53.79 24.86
CA SER E 64 16.50 53.03 25.77
C SER E 64 15.05 53.40 25.55
N GLY E 65 14.16 52.45 25.77
CA GLY E 65 12.74 52.69 25.67
C GLY E 65 12.02 52.23 26.92
N SER E 66 10.90 52.88 27.21
CA SER E 66 10.13 52.59 28.40
C SER E 66 8.65 52.62 28.08
N ARG E 67 7.86 52.01 28.96
CA ARG E 67 6.41 51.98 28.83
C ARG E 67 5.78 52.41 30.14
N SER E 68 4.65 53.12 30.03
CA SER E 68 3.85 53.48 31.21
C SER E 68 2.40 53.56 30.75
N GLY E 69 1.65 52.50 30.98
CA GLY E 69 0.27 52.43 30.50
C GLY E 69 0.20 52.39 29.00
N THR E 70 -0.26 53.49 28.39
CA THR E 70 -0.29 53.63 26.94
C THR E 70 0.65 54.73 26.46
N ASP E 71 1.54 55.22 27.31
CA ASP E 71 2.49 56.26 26.95
C ASP E 71 3.88 55.63 26.86
N PHE E 72 4.39 55.50 25.63
CA PHE E 72 5.69 54.90 25.38
C PHE E 72 6.72 55.99 25.14
N THR E 73 7.91 55.82 25.72
CA THR E 73 8.92 56.86 25.74
C THR E 73 10.25 56.32 25.24
N LEU E 74 10.87 57.05 24.31
CA LEU E 74 12.23 56.77 23.87
C LEU E 74 13.17 57.79 24.49
N THR E 75 14.29 57.33 25.02
CA THR E 75 15.22 58.19 25.74
C THR E 75 16.63 57.90 25.27
N ILE E 76 17.41 58.96 25.04
CA ILE E 76 18.82 58.85 24.68
C ILE E 76 19.64 59.42 25.83
N SER E 77 20.51 58.58 26.41
CA SER E 77 21.26 58.99 27.59
C SER E 77 22.22 60.14 27.27
N SER E 78 22.93 60.04 26.15
CA SER E 78 23.88 61.08 25.74
C SER E 78 23.82 61.17 24.22
N LEU E 79 23.30 62.28 23.71
CA LEU E 79 23.03 62.40 22.28
C LEU E 79 24.33 62.63 21.53
N GLN E 80 24.77 61.61 20.80
CA GLN E 80 25.98 61.67 20.00
C GLN E 80 25.71 62.41 18.69
N PRO E 81 26.75 62.95 18.05
CA PRO E 81 26.51 63.75 16.84
C PRO E 81 25.91 62.96 15.67
N GLU E 82 25.89 61.63 15.73
CA GLU E 82 25.27 60.85 14.66
C GLU E 82 23.80 60.53 14.92
N ASP E 83 23.21 61.02 16.01
CA ASP E 83 21.84 60.68 16.36
C ASP E 83 20.82 61.72 15.91
N PHE E 84 21.23 62.79 15.22
CA PHE E 84 20.28 63.82 14.78
C PHE E 84 19.55 63.32 13.54
N ALA E 85 18.57 62.44 13.78
CA ALA E 85 17.74 61.91 12.70
C ALA E 85 16.26 61.99 13.04
N THR E 86 15.41 61.38 12.22
CA THR E 86 13.97 61.37 12.45
C THR E 86 13.55 60.02 13.03
N TYR E 87 12.69 60.07 14.05
CA TYR E 87 12.28 58.87 14.77
C TYR E 87 10.79 58.63 14.59
N TYR E 88 10.43 57.37 14.36
CA TYR E 88 9.04 56.98 14.14
C TYR E 88 8.66 55.89 15.11
N CYS E 89 7.45 56.00 15.66
CA CYS E 89 6.94 55.09 16.67
C CYS E 89 5.83 54.24 16.08
N GLN E 90 5.94 52.92 16.24
CA GLN E 90 5.10 51.97 15.55
C GLN E 90 4.44 51.02 16.54
N GLN E 91 3.15 50.75 16.33
CA GLN E 91 2.45 49.71 17.07
C GLN E 91 2.14 48.56 16.11
N TYR E 92 2.48 47.35 16.53
CA TYR E 92 2.31 46.18 15.68
C TYR E 92 1.48 45.10 16.36
N LYS E 93 0.40 45.50 17.02
CA LYS E 93 -0.53 44.55 17.62
C LYS E 93 -1.80 44.38 16.80
N TYR E 94 -2.21 45.39 16.04
CA TYR E 94 -3.45 45.33 15.27
C TYR E 94 -3.18 45.79 13.85
N VAL E 95 -3.76 45.09 12.88
CA VAL E 95 -3.73 45.54 11.49
C VAL E 95 -4.81 46.60 11.31
N PRO E 96 -4.55 47.68 10.58
CA PRO E 96 -3.30 48.03 9.90
C PRO E 96 -2.24 48.52 10.89
N VAL E 97 -0.98 48.31 10.58
CA VAL E 97 0.13 48.73 11.44
C VAL E 97 0.36 50.23 11.21
N THR E 98 0.14 51.03 12.23
CA THR E 98 0.20 52.49 12.12
C THR E 98 1.46 53.02 12.78
N PHE E 99 2.16 53.89 12.07
CA PHE E 99 3.34 54.57 12.59
C PHE E 99 2.96 55.93 13.16
N GLY E 100 3.81 56.43 14.05
CA GLY E 100 3.64 57.79 14.53
C GLY E 100 3.98 58.79 13.45
N GLN E 101 3.58 60.04 13.70
CA GLN E 101 3.81 61.08 12.71
C GLN E 101 5.31 61.38 12.55
N GLY E 102 6.08 61.16 13.59
CA GLY E 102 7.53 61.31 13.46
C GLY E 102 8.05 62.54 14.18
N THR E 103 9.22 62.40 14.81
CA THR E 103 9.89 63.48 15.52
C THR E 103 11.26 63.69 14.89
N LYS E 104 11.66 64.96 14.73
CA LYS E 104 12.95 65.30 14.16
C LYS E 104 13.84 65.87 15.26
N VAL E 105 15.08 65.38 15.35
CA VAL E 105 16.07 65.85 16.31
C VAL E 105 17.16 66.55 15.52
N GLU E 106 17.41 67.81 15.85
CA GLU E 106 18.33 68.64 15.10
C GLU E 106 19.23 69.42 16.04
N ILE E 107 20.40 69.82 15.54
CA ILE E 107 21.38 70.57 16.31
C ILE E 107 20.80 71.91 16.76
N SER F 1 -9.29 -32.81 -36.82
CA SER F 1 -10.02 -33.45 -37.91
C SER F 1 -10.97 -34.51 -37.39
N ASP F 2 -12.13 -34.65 -38.05
CA ASP F 2 -13.08 -35.67 -37.66
C ASP F 2 -12.54 -37.06 -37.98
N ILE F 3 -12.97 -38.03 -37.18
CA ILE F 3 -12.52 -39.41 -37.31
C ILE F 3 -13.75 -40.32 -37.27
N GLN F 4 -13.94 -41.09 -38.34
CA GLN F 4 -15.07 -42.01 -38.42
C GLN F 4 -14.66 -43.33 -37.78
N MET F 5 -15.40 -43.74 -36.76
CA MET F 5 -15.07 -44.94 -35.99
C MET F 5 -15.99 -46.07 -36.45
N THR F 6 -15.55 -46.78 -37.50
CA THR F 6 -16.31 -47.91 -38.02
C THR F 6 -16.36 -49.02 -36.98
N GLN F 7 -17.57 -49.37 -36.55
CA GLN F 7 -17.78 -50.33 -35.49
C GLN F 7 -18.64 -51.48 -36.00
N SER F 8 -18.13 -52.69 -35.88
CA SER F 8 -18.77 -53.89 -36.41
C SER F 8 -18.65 -55.02 -35.39
N PRO F 9 -19.56 -56.00 -35.42
CA PRO F 9 -20.73 -56.14 -36.31
C PRO F 9 -21.88 -55.23 -35.91
N SER F 10 -22.79 -54.92 -36.84
CA SER F 10 -23.90 -54.05 -36.52
C SER F 10 -24.83 -54.66 -35.48
N SER F 11 -24.91 -55.99 -35.43
CA SER F 11 -25.71 -56.69 -34.43
C SER F 11 -25.33 -58.16 -34.45
N LEU F 12 -25.28 -58.77 -33.27
CA LEU F 12 -24.92 -60.17 -33.15
C LEU F 12 -25.82 -60.84 -32.12
N SER F 13 -25.94 -62.15 -32.23
CA SER F 13 -26.73 -62.95 -31.31
C SER F 13 -25.83 -63.97 -30.61
N ALA F 14 -26.06 -64.14 -29.31
CA ALA F 14 -25.21 -65.03 -28.51
C ALA F 14 -26.05 -65.63 -27.39
N SER F 15 -25.55 -66.72 -26.83
CA SER F 15 -26.20 -67.44 -25.75
C SER F 15 -25.55 -67.09 -24.41
N VAL F 16 -26.26 -67.44 -23.33
CA VAL F 16 -25.76 -67.14 -21.99
C VAL F 16 -24.48 -67.92 -21.74
N GLY F 17 -23.48 -67.24 -21.18
CA GLY F 17 -22.19 -67.85 -20.92
C GLY F 17 -21.24 -67.86 -22.09
N ASP F 18 -21.66 -67.34 -23.24
CA ASP F 18 -20.80 -67.31 -24.41
C ASP F 18 -19.82 -66.14 -24.35
N ARG F 19 -18.75 -66.24 -25.13
CA ARG F 19 -17.73 -65.21 -25.20
C ARG F 19 -17.97 -64.37 -26.45
N VAL F 20 -18.11 -63.05 -26.27
CA VAL F 20 -18.46 -62.13 -27.33
C VAL F 20 -17.32 -61.13 -27.51
N THR F 21 -16.92 -60.92 -28.77
CA THR F 21 -15.90 -59.95 -29.13
C THR F 21 -16.51 -58.91 -30.07
N ILE F 22 -16.26 -57.63 -29.78
CA ILE F 22 -16.79 -56.52 -30.55
C ILE F 22 -15.61 -55.68 -31.02
N THR F 23 -15.63 -55.30 -32.30
CA THR F 23 -14.51 -54.60 -32.93
C THR F 23 -14.91 -53.18 -33.28
N CYS F 24 -13.98 -52.25 -33.10
CA CYS F 24 -14.21 -50.84 -33.41
C CYS F 24 -12.94 -50.30 -34.03
N ARG F 25 -13.05 -49.78 -35.25
CA ARG F 25 -11.89 -49.36 -36.04
C ARG F 25 -11.96 -47.88 -36.33
N ALA F 26 -10.84 -47.20 -36.17
CA ALA F 26 -10.74 -45.76 -36.38
C ALA F 26 -10.12 -45.47 -37.74
N SER F 27 -10.56 -44.38 -38.35
CA SER F 27 -10.01 -43.96 -39.64
C SER F 27 -8.62 -43.36 -39.51
N GLN F 28 -8.24 -42.90 -38.32
CA GLN F 28 -6.91 -42.37 -38.06
C GLN F 28 -6.47 -42.81 -36.67
N SER F 29 -5.18 -42.66 -36.39
CA SER F 29 -4.67 -43.01 -35.08
C SER F 29 -5.24 -42.09 -34.01
N VAL F 30 -5.67 -42.68 -32.90
CA VAL F 30 -6.27 -41.92 -31.81
C VAL F 30 -5.58 -42.27 -30.50
N SER F 31 -4.40 -42.86 -30.60
CA SER F 31 -3.67 -43.35 -29.42
C SER F 31 -4.57 -44.36 -28.70
N SER F 32 -4.43 -44.48 -27.39
CA SER F 32 -5.28 -45.36 -26.61
C SER F 32 -6.50 -44.63 -26.04
N ALA F 33 -6.88 -43.49 -26.62
CA ALA F 33 -7.99 -42.69 -26.12
C ALA F 33 -9.28 -43.17 -26.75
N VAL F 34 -9.83 -44.26 -26.20
CA VAL F 34 -11.10 -44.82 -26.64
C VAL F 34 -11.90 -45.24 -25.41
N ALA F 35 -13.21 -45.00 -25.44
CA ALA F 35 -14.09 -45.35 -24.34
C ALA F 35 -15.24 -46.21 -24.87
N TRP F 36 -15.81 -47.01 -23.98
CA TRP F 36 -16.90 -47.91 -24.32
C TRP F 36 -18.10 -47.64 -23.42
N TYR F 37 -19.29 -47.67 -24.00
CA TYR F 37 -20.53 -47.41 -23.29
C TYR F 37 -21.53 -48.51 -23.55
N GLN F 38 -22.43 -48.71 -22.59
CA GLN F 38 -23.49 -49.70 -22.69
C GLN F 38 -24.83 -49.01 -22.47
N GLN F 39 -25.75 -49.18 -23.42
CA GLN F 39 -27.06 -48.56 -23.33
C GLN F 39 -28.15 -49.61 -23.48
N LYS F 40 -29.04 -49.63 -22.53
CA LYS F 40 -30.24 -50.43 -22.63
C LYS F 40 -31.38 -49.57 -23.17
N PRO F 41 -32.35 -50.18 -23.87
CA PRO F 41 -33.34 -49.37 -24.62
C PRO F 41 -34.12 -48.44 -23.70
N GLY F 42 -33.99 -47.14 -23.97
CA GLY F 42 -34.72 -46.12 -23.24
C GLY F 42 -33.96 -45.48 -22.11
N LYS F 43 -32.82 -46.02 -21.71
CA LYS F 43 -32.06 -45.52 -20.58
C LYS F 43 -30.77 -44.87 -21.04
N ALA F 44 -30.16 -44.10 -20.14
CA ALA F 44 -28.91 -43.43 -20.44
C ALA F 44 -27.79 -44.45 -20.57
N PRO F 45 -26.79 -44.17 -21.41
CA PRO F 45 -25.66 -45.10 -21.55
C PRO F 45 -24.79 -45.13 -20.31
N LYS F 46 -24.33 -46.33 -19.96
CA LYS F 46 -23.49 -46.55 -18.80
C LYS F 46 -22.05 -46.78 -19.27
N LEU F 47 -21.12 -46.04 -18.67
CA LEU F 47 -19.72 -46.16 -19.09
C LEU F 47 -19.13 -47.48 -18.64
N LEU F 48 -18.33 -48.09 -19.51
CA LEU F 48 -17.65 -49.35 -19.22
C LEU F 48 -16.13 -49.19 -19.20
N ILE F 49 -15.54 -48.71 -20.28
CA ILE F 49 -14.10 -48.68 -20.46
C ILE F 49 -13.65 -47.26 -20.76
N TYR F 50 -12.47 -46.90 -20.26
CA TYR F 50 -11.81 -45.68 -20.70
C TYR F 50 -10.33 -46.01 -20.90
N SER F 51 -9.69 -45.23 -21.76
CA SER F 51 -8.32 -45.47 -22.20
C SER F 51 -8.17 -46.81 -22.91
N ALA F 52 -9.29 -47.38 -23.35
CA ALA F 52 -9.36 -48.55 -24.24
C ALA F 52 -8.97 -49.84 -23.54
N SER F 53 -8.46 -49.77 -22.32
CA SER F 53 -8.15 -50.98 -21.57
C SER F 53 -8.45 -50.91 -20.08
N SER F 54 -8.85 -49.75 -19.56
CA SER F 54 -9.02 -49.57 -18.12
C SER F 54 -10.49 -49.71 -17.74
N LEU F 55 -10.77 -50.61 -16.82
CA LEU F 55 -12.14 -50.85 -16.37
C LEU F 55 -12.63 -49.70 -15.50
N TYR F 56 -13.84 -49.22 -15.79
CA TYR F 56 -14.45 -48.22 -14.94
C TYR F 56 -14.85 -48.83 -13.61
N SER F 57 -14.81 -48.00 -12.55
CA SER F 57 -15.06 -48.49 -11.21
C SER F 57 -16.48 -49.03 -11.08
N GLY F 58 -16.60 -50.23 -10.49
CA GLY F 58 -17.88 -50.85 -10.26
C GLY F 58 -18.39 -51.75 -11.36
N VAL F 59 -17.73 -51.74 -12.52
CA VAL F 59 -18.12 -52.60 -13.64
C VAL F 59 -17.64 -54.02 -13.36
N PRO F 60 -18.45 -55.04 -13.62
CA PRO F 60 -18.00 -56.42 -13.38
C PRO F 60 -16.77 -56.76 -14.21
N SER F 61 -15.91 -57.60 -13.63
CA SER F 61 -14.61 -57.91 -14.22
C SER F 61 -14.72 -58.70 -15.53
N ARG F 62 -15.89 -59.24 -15.86
CA ARG F 62 -16.01 -60.00 -17.11
C ARG F 62 -15.82 -59.12 -18.34
N PHE F 63 -16.00 -57.81 -18.21
CA PHE F 63 -15.76 -56.90 -19.32
C PHE F 63 -14.27 -56.63 -19.44
N SER F 64 -13.75 -56.62 -20.67
CA SER F 64 -12.36 -56.29 -20.93
C SER F 64 -12.23 -55.60 -22.27
N GLY F 65 -11.26 -54.71 -22.37
CA GLY F 65 -10.98 -54.03 -23.61
C GLY F 65 -9.51 -54.16 -23.98
N SER F 66 -9.25 -54.13 -25.29
CA SER F 66 -7.90 -54.31 -25.81
C SER F 66 -7.67 -53.37 -26.98
N ARG F 67 -6.40 -53.13 -27.28
CA ARG F 67 -6.00 -52.28 -28.39
C ARG F 67 -4.97 -53.02 -29.24
N SER F 68 -5.06 -52.82 -30.55
CA SER F 68 -4.06 -53.35 -31.48
C SER F 68 -3.97 -52.37 -32.65
N GLY F 69 -3.00 -51.47 -32.59
CA GLY F 69 -2.88 -50.42 -33.59
C GLY F 69 -4.03 -49.44 -33.52
N THR F 70 -4.91 -49.48 -34.52
CA THR F 70 -6.13 -48.69 -34.53
C THR F 70 -7.38 -49.54 -34.42
N ASP F 71 -7.24 -50.83 -34.12
CA ASP F 71 -8.37 -51.74 -33.98
C ASP F 71 -8.59 -51.99 -32.49
N PHE F 72 -9.66 -51.43 -31.94
CA PHE F 72 -9.99 -51.57 -30.53
C PHE F 72 -11.09 -52.62 -30.36
N THR F 73 -10.92 -53.48 -29.37
CA THR F 73 -11.77 -54.65 -29.19
C THR F 73 -12.34 -54.69 -27.79
N LEU F 74 -13.65 -54.92 -27.69
CA LEU F 74 -14.32 -55.16 -26.42
C LEU F 74 -14.70 -56.64 -26.34
N THR F 75 -14.37 -57.28 -25.23
CA THR F 75 -14.59 -58.71 -25.06
C THR F 75 -15.27 -58.97 -23.72
N ILE F 76 -16.27 -59.84 -23.72
CA ILE F 76 -16.96 -60.27 -22.51
C ILE F 76 -16.62 -61.74 -22.28
N SER F 77 -16.04 -62.02 -21.12
CA SER F 77 -15.57 -63.39 -20.84
C SER F 77 -16.74 -64.37 -20.76
N SER F 78 -17.80 -64.00 -20.06
CA SER F 78 -18.98 -64.85 -19.92
C SER F 78 -20.20 -63.94 -19.92
N LEU F 79 -21.03 -64.07 -20.96
CA LEU F 79 -22.14 -63.13 -21.17
C LEU F 79 -23.27 -63.46 -20.21
N GLN F 80 -23.43 -62.63 -19.18
CA GLN F 80 -24.50 -62.78 -18.21
C GLN F 80 -25.82 -62.33 -18.81
N PRO F 81 -26.96 -62.79 -18.27
CA PRO F 81 -28.25 -62.48 -18.90
C PRO F 81 -28.58 -61.00 -18.95
N GLU F 82 -27.92 -60.17 -18.13
CA GLU F 82 -28.19 -58.74 -18.14
C GLU F 82 -27.38 -57.98 -19.18
N ASP F 83 -26.43 -58.62 -19.84
CA ASP F 83 -25.50 -57.93 -20.74
C ASP F 83 -26.07 -57.66 -22.13
N PHE F 84 -27.28 -58.14 -22.44
CA PHE F 84 -27.83 -58.00 -23.79
C PHE F 84 -28.30 -56.57 -24.01
N ALA F 85 -27.33 -55.69 -24.29
CA ALA F 85 -27.63 -54.29 -24.54
C ALA F 85 -26.90 -53.77 -25.78
N THR F 86 -26.97 -52.46 -26.01
CA THR F 86 -26.33 -51.82 -27.15
C THR F 86 -25.04 -51.15 -26.70
N TYR F 87 -23.97 -51.36 -27.45
CA TYR F 87 -22.64 -50.87 -27.10
C TYR F 87 -22.15 -49.86 -28.12
N TYR F 88 -21.58 -48.76 -27.63
CA TYR F 88 -21.08 -47.69 -28.47
C TYR F 88 -19.61 -47.43 -28.17
N CYS F 89 -18.83 -47.20 -29.22
CA CYS F 89 -17.40 -47.02 -29.12
C CYS F 89 -17.06 -45.57 -29.44
N GLN F 90 -16.29 -44.93 -28.57
CA GLN F 90 -16.07 -43.50 -28.63
C GLN F 90 -14.58 -43.19 -28.63
N GLN F 91 -14.17 -42.26 -29.47
CA GLN F 91 -12.83 -41.70 -29.45
C GLN F 91 -12.90 -40.28 -28.92
N TYR F 92 -12.06 -39.96 -27.94
CA TYR F 92 -12.08 -38.66 -27.29
C TYR F 92 -10.71 -38.00 -27.33
N LYS F 93 -10.04 -38.08 -28.48
CA LYS F 93 -8.77 -37.40 -28.66
C LYS F 93 -8.89 -36.15 -29.52
N TYR F 94 -9.89 -36.06 -30.39
CA TYR F 94 -10.05 -34.94 -31.29
C TYR F 94 -11.51 -34.48 -31.30
N VAL F 95 -11.70 -33.17 -31.26
CA VAL F 95 -13.05 -32.61 -31.45
C VAL F 95 -13.31 -32.56 -32.95
N PRO F 96 -14.51 -32.91 -33.42
CA PRO F 96 -15.66 -33.38 -32.66
C PRO F 96 -15.51 -34.81 -32.17
N VAL F 97 -16.06 -35.12 -31.01
CA VAL F 97 -15.98 -36.47 -30.44
C VAL F 97 -17.00 -37.35 -31.16
N THR F 98 -16.53 -38.43 -31.76
CA THR F 98 -17.37 -39.28 -32.61
C THR F 98 -17.57 -40.63 -31.96
N PHE F 99 -18.82 -41.07 -31.88
CA PHE F 99 -19.18 -42.39 -31.40
C PHE F 99 -19.31 -43.36 -32.57
N GLY F 100 -19.11 -44.64 -32.26
CA GLY F 100 -19.37 -45.67 -33.24
C GLY F 100 -20.85 -45.81 -33.53
N GLN F 101 -21.16 -46.50 -34.64
CA GLN F 101 -22.56 -46.69 -35.02
C GLN F 101 -23.30 -47.54 -34.01
N GLY F 102 -22.60 -48.41 -33.29
CA GLY F 102 -23.22 -49.20 -32.25
C GLY F 102 -23.56 -50.62 -32.66
N THR F 103 -23.39 -51.56 -31.73
CA THR F 103 -23.73 -52.96 -31.96
C THR F 103 -24.82 -53.37 -30.98
N LYS F 104 -25.62 -54.34 -31.38
CA LYS F 104 -26.68 -54.87 -30.54
C LYS F 104 -26.38 -56.32 -30.20
N VAL F 105 -26.47 -56.66 -28.92
CA VAL F 105 -26.27 -58.02 -28.44
C VAL F 105 -27.62 -58.52 -27.95
N GLU F 106 -28.09 -59.63 -28.53
CA GLU F 106 -29.41 -60.15 -28.26
C GLU F 106 -29.35 -61.65 -28.06
N ILE F 107 -30.34 -62.17 -27.35
CA ILE F 107 -30.48 -63.61 -27.13
C ILE F 107 -30.63 -64.35 -28.45
N PHE G 5 8.91 -35.47 -34.03
CA PHE G 5 7.62 -35.90 -33.50
C PHE G 5 7.81 -37.05 -32.52
N ARG G 7 6.75 -39.98 -31.09
CA ARG G 7 5.78 -41.02 -31.38
C ARG G 7 5.71 -42.05 -30.27
N VAL G 10 4.60 -50.01 -28.67
CA VAL G 10 4.43 -51.01 -27.63
C VAL G 10 5.67 -51.90 -27.59
N ASP G 11 6.03 -52.34 -26.38
CA ASP G 11 7.25 -53.13 -26.19
C ASP G 11 7.01 -54.64 -26.38
N PHE H 5 -11.77 37.76 30.66
CA PHE H 5 -10.63 38.24 29.89
C PHE H 5 -9.36 38.18 30.73
N ARG H 7 -6.32 39.68 31.64
CA ARG H 7 -5.69 41.00 31.56
C ARG H 7 -4.23 40.97 31.99
N VAL H 10 1.51 45.17 36.01
CA VAL H 10 2.92 45.23 36.39
C VAL H 10 3.03 45.19 37.91
N ASP H 11 4.07 44.52 38.40
CA ASP H 11 4.26 44.35 39.84
C ASP H 11 5.01 45.52 40.47
#